data_3IYP
#
_entry.id   3IYP
#
_symmetry.space_group_name_H-M   'P 1'
#
loop_
_entity.id
_entity.type
_entity.pdbx_description
1 polymer 'Capsid protein'
2 polymer Polyprotein
3 polymer Polyprotein
4 polymer Polyprotein
5 polymer 'Complement decay-accelerating factor'
6 non-polymer 'LAURIC ACID'
#
loop_
_entity_poly.entity_id
_entity_poly.type
_entity_poly.pdbx_seq_one_letter_code
_entity_poly.pdbx_strand_id
1 'polypeptide(L)'
;GDTETAIDNAIARVADTVASGPSNSTSIPALTAVETGHTSQVEPSDTMQTRHVKNYHSRSESTVENFLSRSACVYIEEYY
TKDQDNVNRYMSWTINARRMVQLRRKFELFTYMRFDMEITFVITSRQLPGTSIAQDMPPLTHQIMYIPPGGPVPNSVTDF
AWQTSTNPSIFWTEGNAPPRMSIPFISIGNAYSNFYDGWSHFSQNGVYGYNALNNMGKLYARHVNKDTPYQMSSTIRVYF
KPKHIRVWVPRPPRLSPYIKSSNVNFNPTNLTDERSSITYVPDTIRPDVRTN
;
A
2 'polypeptide(L)'
;GLPVLNTPGSNQFMTSDDFQSPSAMPQFDVTPHMDIPGEVHNLMEIAEVDSVVPVNNIKANLQSMDAYHIEVNTGNYQGE
KIFAFQMQPGLESVFKRTLMGEILNYYAHWSGSIKLTFTFCGSAMATGKLLLAYSPPGADVPATRKQAMLGTHMIWDIGL
QSSCVLCIPWISQTHYRLVQQDEYTSAGNVTCWYQTGIVVPPGTPNKCVVLCFASACNDFSVRMLRDTPFIGQTALLQ
;
B
3 'polypeptide(L)'
;PSAEECGYSDRVRSLTLGNSTITTQESANVVVGYGRWPEYLRDDEATAEDQPTQPDVATCRFYTLESVQWEKNSAGWWWK
FPEALKDMGLFGQNMLYHYLGRAGYTIHVQCNASKFHQGCLLVVCVPEAEMGCSQTDKEVAAMNLTKGEAAHKFEPTKTN
GEHTVQSIVCNAGMGVGVGNLTIYPHQWINLRTNNCATIVMPYVNSVPMDNMFRHYNFTLMVIPFAPLDYAAQASEYVPV
TVTIAPMCAEYNGLRLAYQQ
;
C
4 'polypeptide(L)' MGAQVSTQKTGAHETGLNASGNSIIHYTNINYYKDAASNSANRQDFTQDPGKFTEPVKDIMIKTMPALNS D
5 'polypeptide(L)'
;MTVARPSVPAALPLLGELPRLLLLVLLCLPAVWQDCGLPPDVPNAQPALEGRTSFPEDTVITYKCEESFVKIPGEKDSVI
CLKGSQWSDIEEFCNRSCEVPTRLNSASLKQPYITQNYFPVGTVVEYECRPGYRREPSLSPKLTCLQNLKWSTAVEFCKK
KSCPNPGEIRNGQIDVPGGILFGATISFSCNTGYKLFGSTSSFCLISGSSVQWSDPLPECREIYCPAPPQIDNGIIQGER
DHYGYRQSVTYACNKGFTMIGEHSIYCTVNNDEGEWSGPPPECRGKSLTSKVPPTVQKPTTVNVPTTEVSPTSQKTTTKT
TTPNAQATRSTPVSRTTKHFHETTPNKGSGTTSGTTRLLSGHTCFTLTGLLGTLVTMGLLT
;
F
#
loop_
_chem_comp.id
_chem_comp.type
_chem_comp.name
_chem_comp.formula
DAO non-polymer 'LAURIC ACID' 'C12 H24 O2'
#
# COMPACT_ATOMS: atom_id res chain seq x y z
N ILE A 11 -33.26 -3.17 13.83
CA ILE A 11 -32.07 -4.00 14.18
C ILE A 11 -30.77 -3.28 13.81
N ALA A 12 -30.64 -2.92 12.54
CA ALA A 12 -29.46 -2.20 12.06
C ALA A 12 -29.87 -0.74 11.87
N ARG A 13 -30.90 -0.35 12.61
CA ARG A 13 -31.45 0.99 12.56
C ARG A 13 -30.43 2.10 12.78
N VAL A 14 -30.80 3.30 12.35
CA VAL A 14 -29.95 4.47 12.48
C VAL A 14 -30.35 5.28 13.71
N ALA A 15 -29.41 6.09 14.22
CA ALA A 15 -29.67 6.90 15.40
C ALA A 15 -30.72 7.96 15.14
N ASP A 16 -31.58 8.18 16.15
CA ASP A 16 -32.63 9.18 16.05
C ASP A 16 -32.08 10.53 16.48
N THR A 17 -32.80 11.60 16.17
CA THR A 17 -32.34 12.94 16.55
C THR A 17 -33.15 13.49 17.71
N VAL A 18 -32.49 13.62 18.86
CA VAL A 18 -33.14 14.14 20.05
C VAL A 18 -33.53 15.60 19.86
N ALA A 19 -34.67 15.99 20.41
CA ALA A 19 -35.14 17.35 20.29
C ALA A 19 -34.26 18.24 21.17
N SER A 20 -33.64 19.24 20.57
CA SER A 20 -32.77 20.16 21.30
C SER A 20 -33.34 21.58 21.30
N GLY A 21 -33.07 22.32 22.36
CA GLY A 21 -33.57 23.68 22.46
C GLY A 21 -32.43 24.68 22.57
N PRO A 22 -32.71 25.92 22.98
CA PRO A 22 -31.67 26.94 23.12
C PRO A 22 -30.55 26.46 24.04
N SER A 23 -29.42 27.16 24.00
CA SER A 23 -28.27 26.79 24.83
C SER A 23 -27.42 28.00 25.17
N ASN A 24 -26.67 27.90 26.26
CA ASN A 24 -25.80 28.97 26.72
C ASN A 24 -25.03 28.47 27.92
N SER A 25 -24.06 27.59 27.69
CA SER A 25 -23.26 27.03 28.78
C SER A 25 -21.79 26.89 28.39
N THR A 26 -21.03 26.24 29.27
CA THR A 26 -19.61 26.02 29.02
C THR A 26 -19.40 24.72 28.24
N SER A 27 -20.50 24.13 27.77
CA SER A 27 -20.43 22.90 26.99
C SER A 27 -19.92 23.24 25.60
N ILE A 28 -18.84 22.61 25.19
CA ILE A 28 -18.26 22.86 23.89
C ILE A 28 -18.16 21.59 23.03
N PRO A 29 -19.31 21.08 22.57
CA PRO A 29 -19.34 19.87 21.73
C PRO A 29 -18.82 20.15 20.33
N ALA A 30 -18.95 21.41 19.90
CA ALA A 30 -18.50 21.83 18.58
C ALA A 30 -16.98 22.00 18.53
N LEU A 31 -16.39 22.39 19.65
CA LEU A 31 -14.94 22.57 19.72
C LEU A 31 -14.23 21.26 20.06
N THR A 32 -13.11 21.03 19.39
CA THR A 32 -12.35 19.81 19.62
C THR A 32 -10.91 19.97 19.12
N ALA A 33 -10.24 18.85 18.89
CA ALA A 33 -8.85 18.86 18.41
C ALA A 33 -8.56 17.56 17.65
N VAL A 34 -8.52 17.67 16.32
CA VAL A 34 -8.27 16.51 15.46
C VAL A 34 -6.88 15.91 15.69
N GLU A 35 -6.00 16.68 16.31
CA GLU A 35 -4.63 16.22 16.58
C GLU A 35 -4.63 14.91 17.36
N THR A 36 -5.68 14.69 18.13
CA THR A 36 -5.80 13.47 18.93
C THR A 36 -6.06 12.25 18.07
N GLY A 37 -6.44 12.49 16.81
CA GLY A 37 -6.72 11.38 15.91
C GLY A 37 -8.12 10.86 16.17
N HIS A 38 -8.89 11.64 16.91
CA HIS A 38 -10.26 11.30 17.27
C HIS A 38 -11.27 12.02 16.38
N THR A 39 -12.17 11.26 15.77
CA THR A 39 -13.19 11.81 14.90
C THR A 39 -14.38 12.33 15.71
N SER A 40 -14.67 13.62 15.58
CA SER A 40 -15.77 14.26 16.30
C SER A 40 -17.05 13.44 16.23
N GLN A 41 -17.68 13.25 17.39
CA GLN A 41 -18.94 12.50 17.49
C GLN A 41 -20.12 13.43 17.66
N VAL A 42 -20.05 14.59 17.03
CA VAL A 42 -21.11 15.58 17.11
C VAL A 42 -22.26 15.27 16.16
N GLU A 43 -23.44 15.77 16.50
CA GLU A 43 -24.63 15.58 15.68
C GLU A 43 -25.41 16.89 15.66
N PRO A 44 -26.31 17.07 14.68
CA PRO A 44 -27.09 18.31 14.56
C PRO A 44 -27.64 18.89 15.86
N SER A 45 -28.19 18.03 16.71
CA SER A 45 -28.76 18.48 17.98
C SER A 45 -27.74 19.16 18.91
N ASP A 46 -26.46 19.01 18.62
CA ASP A 46 -25.42 19.60 19.45
C ASP A 46 -25.06 21.03 19.04
N THR A 47 -25.36 21.40 17.80
CA THR A 47 -25.02 22.73 17.32
C THR A 47 -26.22 23.53 16.80
N MET A 48 -27.41 23.21 17.28
CA MET A 48 -28.62 23.90 16.86
C MET A 48 -29.85 23.31 17.51
N GLN A 49 -31.00 23.95 17.29
CA GLN A 49 -32.25 23.48 17.85
C GLN A 49 -32.86 22.48 16.88
N THR A 50 -33.05 21.25 17.33
CA THR A 50 -33.62 20.20 16.50
C THR A 50 -34.92 19.66 17.07
N ARG A 51 -35.68 18.99 16.22
CA ARG A 51 -36.95 18.39 16.62
C ARG A 51 -36.72 16.89 16.75
N HIS A 52 -37.58 16.23 17.52
CA HIS A 52 -37.45 14.79 17.69
C HIS A 52 -37.81 14.12 16.37
N VAL A 53 -37.03 13.12 15.98
CA VAL A 53 -37.28 12.42 14.73
C VAL A 53 -36.99 10.93 14.87
N LYS A 54 -38.04 10.12 14.77
CA LYS A 54 -37.88 8.67 14.87
C LYS A 54 -37.35 8.18 13.53
N ASN A 55 -36.04 8.05 13.44
CA ASN A 55 -35.38 7.60 12.23
C ASN A 55 -35.47 6.07 12.09
N TYR A 56 -36.14 5.61 11.04
CA TYR A 56 -36.31 4.18 10.80
C TYR A 56 -35.33 3.64 9.77
N HIS A 57 -34.51 4.51 9.21
CA HIS A 57 -33.53 4.10 8.20
C HIS A 57 -32.63 2.99 8.76
N SER A 58 -32.14 2.14 7.87
CA SER A 58 -31.28 1.04 8.28
C SER A 58 -30.05 0.91 7.40
N ARG A 59 -28.92 0.55 8.01
CA ARG A 59 -27.66 0.39 7.30
C ARG A 59 -27.50 -1.08 6.90
N SER A 60 -28.62 -1.73 6.63
CA SER A 60 -28.63 -3.14 6.25
C SER A 60 -27.88 -3.45 4.97
N GLU A 61 -27.82 -2.50 4.05
CA GLU A 61 -27.15 -2.73 2.77
C GLU A 61 -25.70 -2.23 2.78
N SER A 62 -25.27 -1.71 3.92
CA SER A 62 -23.91 -1.20 4.07
C SER A 62 -23.03 -2.30 4.67
N THR A 63 -23.67 -3.42 5.02
CA THR A 63 -22.98 -4.56 5.61
C THR A 63 -21.89 -5.05 4.67
N VAL A 64 -20.74 -5.43 5.21
CA VAL A 64 -19.64 -5.92 4.39
C VAL A 64 -20.11 -7.15 3.62
N GLU A 65 -21.09 -7.86 4.18
CA GLU A 65 -21.62 -9.06 3.55
C GLU A 65 -22.42 -8.67 2.31
N ASN A 66 -23.38 -7.77 2.47
CA ASN A 66 -24.21 -7.32 1.36
C ASN A 66 -23.42 -6.53 0.33
N PHE A 67 -22.30 -5.94 0.77
CA PHE A 67 -21.45 -5.14 -0.11
C PHE A 67 -20.60 -6.00 -1.05
N LEU A 68 -19.96 -7.02 -0.50
CA LEU A 68 -19.10 -7.89 -1.29
C LEU A 68 -19.77 -9.13 -1.85
N SER A 69 -20.91 -9.52 -1.27
CA SER A 69 -21.59 -10.72 -1.73
C SER A 69 -22.44 -10.51 -2.99
N ARG A 70 -21.75 -10.32 -4.11
CA ARG A 70 -22.39 -10.12 -5.41
C ARG A 70 -21.44 -10.60 -6.50
N SER A 71 -21.89 -11.56 -7.29
CA SER A 71 -21.08 -12.10 -8.38
C SER A 71 -20.49 -11.03 -9.27
N ALA A 72 -19.17 -11.04 -9.40
CA ALA A 72 -18.45 -10.07 -10.22
C ALA A 72 -17.45 -10.83 -11.08
N CYS A 73 -17.38 -10.48 -12.36
CA CYS A 73 -16.45 -11.13 -13.27
C CYS A 73 -15.00 -10.92 -12.85
N VAL A 74 -14.21 -11.99 -12.89
CA VAL A 74 -12.81 -11.92 -12.49
C VAL A 74 -11.84 -12.35 -13.59
N TYR A 75 -12.36 -12.99 -14.63
CA TYR A 75 -11.52 -13.45 -15.72
C TYR A 75 -12.32 -13.81 -16.96
N ILE A 76 -11.64 -13.90 -18.09
CA ILE A 76 -12.28 -14.24 -19.36
C ILE A 76 -11.25 -14.63 -20.41
N GLU A 77 -11.42 -15.81 -21.00
CA GLU A 77 -10.51 -16.29 -22.04
C GLU A 77 -11.28 -17.03 -23.11
N GLU A 78 -10.68 -17.15 -24.29
CA GLU A 78 -11.31 -17.83 -25.42
C GLU A 78 -10.48 -19.02 -25.88
N TYR A 79 -11.16 -20.13 -26.18
CA TYR A 79 -10.48 -21.34 -26.65
C TYR A 79 -11.28 -21.94 -27.81
N TYR A 80 -10.56 -22.37 -28.84
CA TYR A 80 -11.20 -22.95 -30.03
C TYR A 80 -11.38 -24.46 -30.02
N THR A 81 -12.16 -24.96 -30.99
CA THR A 81 -12.44 -26.39 -31.09
C THR A 81 -11.49 -27.11 -32.05
N LYS A 82 -11.31 -26.59 -33.25
CA LYS A 82 -10.43 -27.21 -34.23
C LYS A 82 -8.97 -26.83 -34.00
N ASP A 83 -8.08 -27.71 -34.43
CA ASP A 83 -6.64 -27.48 -34.28
C ASP A 83 -6.06 -26.84 -35.53
N GLN A 84 -6.47 -25.60 -35.81
CA GLN A 84 -5.98 -24.88 -36.98
C GLN A 84 -5.18 -23.66 -36.54
N ASP A 85 -4.05 -23.45 -37.19
CA ASP A 85 -3.17 -22.31 -36.87
C ASP A 85 -2.64 -22.46 -35.46
N ASN A 86 -2.33 -21.34 -34.81
CA ASN A 86 -1.81 -21.37 -33.46
C ASN A 86 -2.86 -20.88 -32.46
N VAL A 87 -4.06 -21.44 -32.56
CA VAL A 87 -5.15 -21.07 -31.67
C VAL A 87 -5.19 -22.04 -30.50
N ASN A 88 -5.32 -21.52 -29.28
CA ASN A 88 -5.38 -22.36 -28.09
C ASN A 88 -6.71 -23.08 -28.04
N ARG A 89 -6.64 -24.40 -27.88
CA ARG A 89 -7.84 -25.23 -27.83
C ARG A 89 -8.34 -25.45 -26.40
N TYR A 90 -7.61 -24.91 -25.44
CA TYR A 90 -7.98 -25.03 -24.04
C TYR A 90 -7.59 -23.77 -23.28
N MET A 91 -8.19 -23.58 -22.10
CA MET A 91 -7.90 -22.42 -21.28
C MET A 91 -7.00 -22.74 -20.09
N SER A 92 -6.21 -21.77 -19.70
CA SER A 92 -5.31 -21.89 -18.56
C SER A 92 -5.43 -20.57 -17.81
N TRP A 93 -5.37 -20.62 -16.48
CA TRP A 93 -5.49 -19.40 -15.69
C TRP A 93 -5.00 -19.53 -14.27
N THR A 94 -4.07 -18.65 -13.90
CA THR A 94 -3.54 -18.64 -12.54
C THR A 94 -4.48 -17.79 -11.71
N ILE A 95 -5.47 -18.44 -11.13
CA ILE A 95 -6.50 -17.82 -10.31
C ILE A 95 -6.07 -16.64 -9.42
N ASN A 96 -6.83 -15.56 -9.53
CA ASN A 96 -6.61 -14.34 -8.76
C ASN A 96 -7.64 -13.31 -9.23
N ALA A 97 -7.91 -12.30 -8.42
CA ALA A 97 -8.88 -11.28 -8.78
C ALA A 97 -8.23 -9.91 -8.95
N ARG A 98 -7.12 -9.88 -9.67
CA ARG A 98 -6.39 -8.63 -9.90
C ARG A 98 -6.34 -8.20 -11.36
N ARG A 99 -7.15 -8.84 -12.20
CA ARG A 99 -7.18 -8.50 -13.62
C ARG A 99 -8.47 -7.81 -14.02
N MET A 100 -9.36 -7.62 -13.05
CA MET A 100 -10.64 -6.95 -13.27
C MET A 100 -10.74 -5.83 -12.24
N VAL A 101 -10.42 -4.61 -12.66
CA VAL A 101 -10.44 -3.44 -11.79
C VAL A 101 -11.64 -3.29 -10.88
N GLN A 102 -12.85 -3.56 -11.40
CA GLN A 102 -14.06 -3.41 -10.60
C GLN A 102 -14.01 -4.16 -9.27
N LEU A 103 -14.02 -5.49 -9.32
CA LEU A 103 -13.99 -6.29 -8.10
C LEU A 103 -12.69 -6.10 -7.32
N ARG A 104 -11.58 -5.92 -8.05
CA ARG A 104 -10.29 -5.74 -7.40
C ARG A 104 -10.27 -4.50 -6.50
N ARG A 105 -10.93 -3.44 -6.95
CA ARG A 105 -10.96 -2.20 -6.18
C ARG A 105 -11.74 -2.35 -4.88
N LYS A 106 -12.81 -3.14 -4.90
CA LYS A 106 -13.61 -3.36 -3.70
C LYS A 106 -12.80 -4.15 -2.68
N PHE A 107 -12.28 -5.30 -3.12
CA PHE A 107 -11.47 -6.14 -2.23
C PHE A 107 -10.35 -5.34 -1.60
N GLU A 108 -9.76 -4.41 -2.36
CA GLU A 108 -8.67 -3.60 -1.85
C GLU A 108 -9.08 -2.47 -0.92
N LEU A 109 -10.34 -2.45 -0.50
CA LEU A 109 -10.81 -1.44 0.44
C LEU A 109 -10.36 -1.92 1.82
N PHE A 110 -10.00 -3.20 1.89
CA PHE A 110 -9.56 -3.81 3.14
C PHE A 110 -8.23 -4.52 2.91
N THR A 111 -7.42 -4.61 3.95
CA THR A 111 -6.12 -5.26 3.85
C THR A 111 -6.22 -6.78 3.91
N TYR A 112 -7.05 -7.30 4.80
CA TYR A 112 -7.22 -8.74 4.94
C TYR A 112 -8.67 -9.16 4.78
N MET A 113 -8.88 -10.36 4.24
CA MET A 113 -10.23 -10.88 4.02
C MET A 113 -10.32 -12.36 4.35
N ARG A 114 -11.51 -12.78 4.77
CA ARG A 114 -11.76 -14.18 5.09
C ARG A 114 -13.21 -14.49 4.72
N PHE A 115 -13.40 -15.50 3.88
CA PHE A 115 -14.74 -15.85 3.44
C PHE A 115 -14.77 -17.07 2.53
N ASP A 116 -15.96 -17.64 2.38
CA ASP A 116 -16.16 -18.77 1.49
C ASP A 116 -16.51 -18.10 0.19
N MET A 117 -16.67 -18.85 -0.89
CA MET A 117 -16.99 -18.21 -2.16
C MET A 117 -17.80 -19.05 -3.13
N GLU A 118 -18.71 -18.37 -3.84
CA GLU A 118 -19.56 -19.02 -4.82
C GLU A 118 -19.01 -18.66 -6.19
N ILE A 119 -18.59 -19.67 -6.95
CA ILE A 119 -18.03 -19.44 -8.28
C ILE A 119 -18.98 -19.88 -9.38
N THR A 120 -19.31 -18.96 -10.27
CA THR A 120 -20.22 -19.23 -11.39
C THR A 120 -19.48 -19.03 -12.71
N PHE A 121 -19.78 -19.88 -13.69
CA PHE A 121 -19.14 -19.80 -14.99
C PHE A 121 -20.15 -19.55 -16.10
N VAL A 122 -19.86 -18.56 -16.94
CA VAL A 122 -20.73 -18.24 -18.07
C VAL A 122 -19.97 -18.57 -19.34
N ILE A 123 -20.22 -19.76 -19.89
CA ILE A 123 -19.56 -20.23 -21.09
C ILE A 123 -20.47 -20.10 -22.32
N THR A 124 -19.97 -19.41 -23.34
CA THR A 124 -20.72 -19.21 -24.57
C THR A 124 -19.84 -19.54 -25.77
N SER A 125 -20.46 -20.12 -26.81
CA SER A 125 -19.72 -20.49 -28.00
C SER A 125 -20.22 -19.77 -29.24
N ARG A 126 -19.51 -19.95 -30.34
CA ARG A 126 -19.86 -19.32 -31.61
C ARG A 126 -19.15 -20.04 -32.75
N GLN A 127 -19.56 -19.72 -33.98
CA GLN A 127 -18.96 -20.30 -35.17
C GLN A 127 -18.26 -19.19 -35.93
N LEU A 128 -16.95 -19.30 -36.12
CA LEU A 128 -16.20 -18.28 -36.83
C LEU A 128 -16.70 -18.12 -38.26
N PRO A 129 -16.70 -16.87 -38.76
CA PRO A 129 -17.15 -16.53 -40.12
C PRO A 129 -16.51 -17.39 -41.21
N GLY A 130 -17.22 -17.52 -42.33
CA GLY A 130 -16.72 -18.31 -43.45
C GLY A 130 -17.67 -18.27 -44.63
N THR A 131 -17.18 -18.72 -45.78
CA THR A 131 -18.00 -18.74 -46.99
C THR A 131 -18.93 -19.96 -47.01
N SER A 132 -18.36 -21.12 -46.73
CA SER A 132 -19.12 -22.37 -46.70
C SER A 132 -18.93 -23.00 -45.32
N ILE A 133 -19.86 -22.72 -44.40
CA ILE A 133 -19.77 -23.24 -43.06
C ILE A 133 -21.04 -23.95 -42.57
N ALA A 134 -21.71 -24.65 -43.47
CA ALA A 134 -22.93 -25.37 -43.12
C ALA A 134 -22.58 -26.58 -42.27
N GLN A 135 -23.05 -26.58 -41.01
CA GLN A 135 -22.78 -27.69 -40.09
C GLN A 135 -24.05 -28.29 -39.51
N ASP A 136 -23.86 -28.98 -38.38
CA ASP A 136 -24.94 -29.63 -37.65
C ASP A 136 -24.32 -30.26 -36.41
N MET A 137 -23.52 -29.47 -35.70
CA MET A 137 -22.84 -29.93 -34.50
C MET A 137 -23.76 -30.11 -33.31
N PRO A 138 -23.66 -31.26 -32.62
CA PRO A 138 -24.49 -31.54 -31.44
C PRO A 138 -24.12 -30.55 -30.34
N PRO A 139 -24.85 -30.57 -29.21
CA PRO A 139 -24.53 -29.63 -28.13
C PRO A 139 -23.09 -29.77 -27.65
N LEU A 140 -22.41 -28.63 -27.46
CA LEU A 140 -21.03 -28.62 -27.00
C LEU A 140 -20.92 -28.80 -25.49
N THR A 141 -20.12 -29.77 -25.07
CA THR A 141 -19.93 -30.04 -23.66
C THR A 141 -18.54 -29.54 -23.25
N HIS A 142 -18.48 -28.79 -22.15
CA HIS A 142 -17.24 -28.22 -21.66
C HIS A 142 -16.78 -28.89 -20.37
N GLN A 143 -15.50 -28.73 -20.06
CA GLN A 143 -14.92 -29.29 -18.84
C GLN A 143 -13.99 -28.28 -18.19
N ILE A 144 -14.32 -27.90 -16.96
CA ILE A 144 -13.52 -26.94 -16.20
C ILE A 144 -12.86 -27.72 -15.07
N MET A 145 -11.53 -27.71 -15.03
CA MET A 145 -10.80 -28.43 -14.00
C MET A 145 -9.90 -27.52 -13.17
N TYR A 146 -10.04 -27.62 -11.85
CA TYR A 146 -9.23 -26.82 -10.95
C TYR A 146 -7.99 -27.62 -10.55
N ILE A 147 -6.83 -26.99 -10.67
CA ILE A 147 -5.58 -27.65 -10.33
C ILE A 147 -4.83 -26.91 -9.24
N PRO A 148 -4.96 -27.37 -7.98
CA PRO A 148 -4.26 -26.72 -6.87
C PRO A 148 -2.75 -26.77 -7.06
N PRO A 149 -2.01 -25.79 -6.53
CA PRO A 149 -0.56 -25.71 -6.66
C PRO A 149 0.19 -27.04 -6.51
N GLY A 150 0.85 -27.45 -7.59
CA GLY A 150 1.60 -28.69 -7.57
C GLY A 150 1.04 -29.79 -8.45
N GLY A 151 -0.28 -29.77 -8.66
CA GLY A 151 -0.91 -30.78 -9.48
C GLY A 151 -0.42 -30.76 -10.92
N PRO A 152 -0.49 -31.90 -11.63
CA PRO A 152 -0.05 -31.99 -13.02
C PRO A 152 -0.90 -31.13 -13.95
N VAL A 153 -0.24 -30.37 -14.80
CA VAL A 153 -0.92 -29.49 -15.75
C VAL A 153 -1.00 -30.11 -17.14
N PRO A 154 -2.18 -30.03 -17.78
CA PRO A 154 -2.37 -30.58 -19.13
C PRO A 154 -1.68 -29.71 -20.18
N ASN A 155 -1.11 -30.35 -21.19
CA ASN A 155 -0.41 -29.64 -22.25
C ASN A 155 -1.15 -29.77 -23.57
N SER A 156 -2.34 -30.35 -23.53
CA SER A 156 -3.16 -30.54 -24.72
C SER A 156 -4.59 -30.84 -24.31
N VAL A 157 -5.50 -30.77 -25.29
CA VAL A 157 -6.91 -31.04 -25.02
C VAL A 157 -7.15 -32.55 -24.90
N THR A 158 -6.06 -33.31 -24.87
CA THR A 158 -6.16 -34.77 -24.75
C THR A 158 -5.14 -35.28 -23.75
N ASP A 159 -4.66 -34.38 -22.88
CA ASP A 159 -3.69 -34.73 -21.86
C ASP A 159 -4.34 -35.64 -20.82
N PHE A 160 -3.54 -36.51 -20.21
CA PHE A 160 -4.05 -37.45 -19.21
C PHE A 160 -4.59 -36.71 -17.98
N ALA A 161 -4.08 -35.50 -17.77
CA ALA A 161 -4.48 -34.68 -16.64
C ALA A 161 -5.99 -34.45 -16.57
N TRP A 162 -6.65 -34.47 -17.71
CA TRP A 162 -8.10 -34.25 -17.75
C TRP A 162 -8.89 -35.42 -17.17
N GLN A 163 -8.18 -36.43 -16.67
CA GLN A 163 -8.85 -37.59 -16.09
C GLN A 163 -9.55 -37.19 -14.79
N THR A 164 -9.15 -36.05 -14.24
CA THR A 164 -9.74 -35.53 -13.00
C THR A 164 -9.89 -36.64 -11.97
N SER A 165 -8.78 -37.29 -11.64
CA SER A 165 -8.81 -38.38 -10.66
C SER A 165 -9.14 -37.88 -9.27
N THR A 166 -8.57 -36.75 -8.89
CA THR A 166 -8.83 -36.18 -7.57
C THR A 166 -9.05 -34.66 -7.60
N ASN A 167 -8.67 -34.02 -8.69
CA ASN A 167 -8.86 -32.58 -8.81
C ASN A 167 -10.34 -32.29 -9.09
N PRO A 168 -10.91 -31.27 -8.45
CA PRO A 168 -12.32 -30.97 -8.70
C PRO A 168 -12.52 -30.52 -10.14
N SER A 169 -13.56 -31.03 -10.79
CA SER A 169 -13.85 -30.67 -12.17
C SER A 169 -15.34 -30.64 -12.45
N ILE A 170 -15.73 -29.80 -13.42
CA ILE A 170 -17.13 -29.67 -13.80
C ILE A 170 -17.35 -29.94 -15.28
N PHE A 171 -18.40 -30.69 -15.58
CA PHE A 171 -18.76 -31.01 -16.96
C PHE A 171 -20.11 -30.37 -17.22
N TRP A 172 -20.13 -29.41 -18.13
CA TRP A 172 -21.34 -28.67 -18.46
C TRP A 172 -21.63 -28.65 -19.97
N THR A 173 -22.91 -28.81 -20.32
CA THR A 173 -23.33 -28.79 -21.71
C THR A 173 -24.12 -27.51 -21.97
N GLU A 174 -23.82 -26.84 -23.07
CA GLU A 174 -24.50 -25.60 -23.42
C GLU A 174 -26.02 -25.74 -23.40
N GLY A 175 -26.69 -24.64 -23.09
CA GLY A 175 -28.14 -24.65 -23.03
C GLY A 175 -28.64 -24.68 -21.59
N ASN A 176 -27.93 -25.41 -20.74
CA ASN A 176 -28.29 -25.52 -19.33
C ASN A 176 -27.83 -24.29 -18.56
N ALA A 177 -28.30 -24.17 -17.32
CA ALA A 177 -27.94 -23.05 -16.47
C ALA A 177 -26.43 -23.02 -16.25
N PRO A 178 -25.83 -21.82 -16.20
CA PRO A 178 -24.38 -21.70 -15.99
C PRO A 178 -23.91 -22.47 -14.76
N PRO A 179 -22.89 -23.33 -14.92
CA PRO A 179 -22.36 -24.13 -13.81
C PRO A 179 -21.93 -23.28 -12.62
N ARG A 180 -22.09 -23.83 -11.42
CA ARG A 180 -21.72 -23.13 -10.20
C ARG A 180 -21.30 -24.12 -9.12
N MET A 181 -20.56 -23.62 -8.13
CA MET A 181 -20.09 -24.45 -7.02
C MET A 181 -19.37 -23.60 -5.99
N SER A 182 -19.55 -23.93 -4.72
CA SER A 182 -18.93 -23.18 -3.63
C SER A 182 -17.60 -23.77 -3.18
N ILE A 183 -16.76 -22.90 -2.63
CA ILE A 183 -15.45 -23.30 -2.12
C ILE A 183 -15.25 -22.61 -0.78
N PRO A 184 -14.61 -23.29 0.17
CA PRO A 184 -14.36 -22.72 1.50
C PRO A 184 -13.25 -21.68 1.52
N PHE A 185 -12.63 -21.50 2.69
CA PHE A 185 -11.54 -20.55 2.86
C PHE A 185 -10.23 -21.29 2.65
N ILE A 186 -9.72 -21.23 1.42
CA ILE A 186 -8.48 -21.92 1.04
C ILE A 186 -7.17 -21.41 1.66
N SER A 187 -7.01 -20.09 1.75
CA SER A 187 -5.80 -19.50 2.31
C SER A 187 -5.15 -20.34 3.41
N ILE A 188 -3.82 -20.48 3.33
CA ILE A 188 -3.07 -21.23 4.33
C ILE A 188 -2.87 -20.33 5.55
N GLY A 189 -3.21 -19.06 5.38
CA GLY A 189 -3.08 -18.11 6.47
C GLY A 189 -4.43 -17.99 7.14
N ASN A 190 -4.53 -17.16 8.17
CA ASN A 190 -5.78 -16.99 8.88
C ASN A 190 -6.72 -16.06 8.14
N ALA A 191 -6.24 -15.49 7.04
CA ALA A 191 -7.03 -14.57 6.23
C ALA A 191 -6.34 -14.25 4.92
N TYR A 192 -7.12 -14.06 3.86
CA TYR A 192 -6.57 -13.70 2.55
C TYR A 192 -5.90 -12.34 2.71
N SER A 193 -4.81 -12.13 1.98
CA SER A 193 -4.10 -10.85 2.06
C SER A 193 -4.18 -10.13 0.72
N ASN A 194 -4.74 -8.91 0.73
CA ASN A 194 -4.86 -8.12 -0.48
C ASN A 194 -3.58 -7.32 -0.71
N PHE A 195 -2.86 -7.07 0.38
CA PHE A 195 -1.62 -6.31 0.32
C PHE A 195 -0.52 -6.97 1.14
N TYR A 196 0.65 -7.11 0.53
CA TYR A 196 1.79 -7.72 1.20
C TYR A 196 3.04 -6.89 0.97
N ASP A 197 3.32 -5.97 1.90
CA ASP A 197 4.50 -5.13 1.79
C ASP A 197 5.73 -5.91 2.22
N GLY A 198 6.03 -6.97 1.49
CA GLY A 198 7.17 -7.82 1.80
C GLY A 198 7.66 -8.53 0.56
N TRP A 199 8.63 -9.44 0.73
CA TRP A 199 9.18 -10.18 -0.39
C TRP A 199 8.95 -11.68 -0.26
N SER A 200 9.35 -12.43 -1.27
CA SER A 200 9.20 -13.88 -1.26
C SER A 200 10.46 -14.52 -0.69
N HIS A 201 11.59 -13.83 -0.85
CA HIS A 201 12.87 -14.32 -0.35
C HIS A 201 13.33 -13.50 0.85
N PHE A 202 14.03 -14.16 1.77
CA PHE A 202 14.52 -13.52 2.98
C PHE A 202 15.58 -12.45 2.70
N SER A 203 16.22 -12.55 1.54
CA SER A 203 17.23 -11.59 1.15
C SER A 203 16.58 -10.32 0.61
N GLN A 204 15.28 -10.18 0.86
CA GLN A 204 14.51 -9.02 0.41
C GLN A 204 14.58 -8.78 -1.08
N ASN A 205 14.26 -9.83 -1.85
CA ASN A 205 14.26 -9.75 -3.30
C ASN A 205 13.40 -10.85 -3.90
N GLY A 206 13.28 -10.86 -5.22
CA GLY A 206 12.46 -11.85 -5.88
C GLY A 206 11.12 -11.22 -6.20
N VAL A 207 10.04 -11.79 -5.67
CA VAL A 207 8.71 -11.25 -5.90
C VAL A 207 8.34 -10.31 -4.77
N TYR A 208 7.61 -9.25 -5.10
CA TYR A 208 7.20 -8.26 -4.12
C TYR A 208 5.69 -8.04 -4.17
N GLY A 209 5.03 -8.18 -3.03
CA GLY A 209 3.60 -7.97 -2.99
C GLY A 209 2.74 -9.23 -3.07
N TYR A 210 1.51 -9.04 -3.52
CA TYR A 210 0.53 -10.11 -3.65
C TYR A 210 1.10 -11.44 -4.14
N ASN A 211 1.57 -11.46 -5.38
CA ASN A 211 2.14 -12.66 -6.00
C ASN A 211 3.21 -13.35 -5.16
N ALA A 212 3.76 -12.63 -4.18
CA ALA A 212 4.80 -13.19 -3.34
C ALA A 212 4.29 -14.31 -2.42
N LEU A 213 3.01 -14.29 -2.08
CA LEU A 213 2.46 -15.30 -1.20
C LEU A 213 1.17 -15.96 -1.66
N ASN A 214 0.30 -15.22 -2.34
CA ASN A 214 -0.96 -15.80 -2.81
C ASN A 214 -0.70 -16.83 -3.90
N ASN A 215 -1.38 -17.97 -3.78
CA ASN A 215 -1.24 -19.05 -4.75
C ASN A 215 -2.47 -19.96 -4.65
N MET A 216 -3.53 -19.57 -5.35
CA MET A 216 -4.77 -20.33 -5.33
C MET A 216 -4.80 -21.44 -6.37
N GLY A 217 -3.68 -21.63 -7.07
CA GLY A 217 -3.62 -22.66 -8.08
C GLY A 217 -4.06 -22.16 -9.45
N LYS A 218 -4.35 -23.10 -10.35
CA LYS A 218 -4.77 -22.75 -11.70
C LYS A 218 -6.11 -23.38 -12.09
N LEU A 219 -6.71 -22.87 -13.15
CA LEU A 219 -7.98 -23.38 -13.64
C LEU A 219 -7.90 -23.59 -15.15
N TYR A 220 -8.27 -24.78 -15.60
CA TYR A 220 -8.23 -25.12 -17.01
C TYR A 220 -9.61 -25.48 -17.56
N ALA A 221 -9.83 -25.17 -18.83
CA ALA A 221 -11.10 -25.46 -19.49
C ALA A 221 -10.84 -26.01 -20.89
N ARG A 222 -11.86 -26.64 -21.48
CA ARG A 222 -11.74 -27.21 -22.81
C ARG A 222 -13.07 -27.77 -23.28
N HIS A 223 -13.11 -28.17 -24.55
CA HIS A 223 -14.30 -28.77 -25.13
C HIS A 223 -14.04 -30.27 -25.02
N VAL A 224 -15.00 -31.03 -24.51
CA VAL A 224 -14.81 -32.46 -24.40
C VAL A 224 -15.15 -33.11 -25.75
N ASN A 225 -15.73 -32.32 -26.65
CA ASN A 225 -16.07 -32.80 -27.98
C ASN A 225 -14.78 -33.00 -28.77
N LYS A 226 -14.68 -34.13 -29.46
CA LYS A 226 -13.49 -34.46 -30.23
C LYS A 226 -13.03 -33.37 -31.20
N ASP A 227 -13.91 -32.98 -32.12
CA ASP A 227 -13.58 -31.95 -33.10
C ASP A 227 -14.80 -31.43 -33.84
N THR A 228 -14.69 -30.21 -34.36
CA THR A 228 -15.78 -29.57 -35.09
C THR A 228 -15.43 -29.47 -36.58
N PRO A 229 -16.42 -29.67 -37.48
CA PRO A 229 -16.14 -29.58 -38.92
C PRO A 229 -15.43 -28.28 -39.26
N TYR A 230 -16.01 -27.17 -38.82
CA TYR A 230 -15.43 -25.86 -39.06
C TYR A 230 -15.06 -25.21 -37.74
N GLN A 231 -14.05 -24.35 -37.76
CA GLN A 231 -13.57 -23.68 -36.55
C GLN A 231 -14.65 -22.96 -35.74
N MET A 232 -14.66 -23.22 -34.44
CA MET A 232 -15.58 -22.60 -33.51
C MET A 232 -14.79 -22.22 -32.27
N SER A 233 -15.28 -21.24 -31.53
CA SER A 233 -14.59 -20.80 -30.32
C SER A 233 -15.58 -20.57 -29.18
N SER A 234 -15.10 -20.70 -27.95
CA SER A 234 -15.93 -20.48 -26.78
C SER A 234 -15.24 -19.50 -25.85
N THR A 235 -16.04 -18.71 -25.14
CA THR A 235 -15.50 -17.74 -24.21
C THR A 235 -16.06 -18.02 -22.81
N ILE A 236 -15.16 -18.32 -21.89
CA ILE A 236 -15.55 -18.61 -20.51
C ILE A 236 -15.31 -17.39 -19.64
N ARG A 237 -16.32 -17.05 -18.83
CA ARG A 237 -16.23 -15.92 -17.92
C ARG A 237 -16.39 -16.42 -16.50
N VAL A 238 -15.37 -16.18 -15.68
CA VAL A 238 -15.40 -16.61 -14.28
C VAL A 238 -15.95 -15.50 -13.39
N TYR A 239 -16.85 -15.90 -12.48
CA TYR A 239 -17.47 -14.95 -11.55
C TYR A 239 -17.24 -15.36 -10.11
N PHE A 240 -16.89 -14.38 -9.27
CA PHE A 240 -16.66 -14.63 -7.85
C PHE A 240 -17.71 -13.91 -7.02
N LYS A 241 -18.18 -14.59 -5.98
CA LYS A 241 -19.18 -14.02 -5.08
C LYS A 241 -18.88 -14.45 -3.66
N PRO A 242 -18.04 -13.68 -2.95
CA PRO A 242 -17.70 -14.04 -1.57
C PRO A 242 -18.92 -14.01 -0.64
N LYS A 243 -18.98 -14.99 0.26
CA LYS A 243 -20.07 -15.08 1.22
C LYS A 243 -19.50 -15.53 2.56
N HIS A 244 -20.18 -15.18 3.65
CA HIS A 244 -19.71 -15.53 5.00
C HIS A 244 -18.42 -14.73 5.14
N ILE A 245 -18.52 -13.46 4.78
CA ILE A 245 -17.41 -12.52 4.77
C ILE A 245 -16.92 -11.94 6.11
N ARG A 246 -15.63 -11.64 6.14
CA ARG A 246 -14.94 -11.04 7.28
C ARG A 246 -13.84 -10.17 6.69
N VAL A 247 -13.75 -8.92 7.13
CA VAL A 247 -12.73 -8.01 6.62
C VAL A 247 -12.04 -7.24 7.74
N TRP A 248 -10.76 -6.94 7.53
CA TRP A 248 -9.97 -6.22 8.54
C TRP A 248 -9.14 -5.10 7.93
N VAL A 249 -8.80 -4.12 8.77
CA VAL A 249 -7.98 -2.98 8.37
C VAL A 249 -8.42 -2.29 7.08
N PRO A 250 -9.37 -1.36 7.18
CA PRO A 250 -9.85 -0.63 6.00
C PRO A 250 -8.77 0.31 5.50
N ARG A 251 -8.84 0.69 4.22
CA ARG A 251 -7.83 1.58 3.66
C ARG A 251 -8.34 2.47 2.53
N PRO A 252 -7.58 3.54 2.21
CA PRO A 252 -7.93 4.48 1.14
C PRO A 252 -8.19 3.78 -0.19
N PRO A 253 -9.36 4.05 -0.80
CA PRO A 253 -9.71 3.42 -2.07
C PRO A 253 -8.70 3.78 -3.16
N ARG A 254 -8.59 2.92 -4.17
CA ARG A 254 -7.67 3.14 -5.28
C ARG A 254 -7.97 4.45 -5.98
N LEU A 255 -6.96 5.30 -6.13
CA LEU A 255 -7.13 6.59 -6.80
C LEU A 255 -6.59 6.53 -8.22
N SER A 256 -5.36 6.04 -8.36
CA SER A 256 -4.72 5.92 -9.66
C SER A 256 -5.20 4.67 -10.38
N PRO A 257 -5.35 4.75 -11.71
CA PRO A 257 -5.81 3.57 -12.47
C PRO A 257 -4.86 2.40 -12.28
N TYR A 258 -5.38 1.18 -12.41
CA TYR A 258 -4.57 -0.01 -12.28
C TYR A 258 -3.76 -0.21 -13.55
N ILE A 259 -2.47 -0.46 -13.40
CA ILE A 259 -1.59 -0.66 -14.55
C ILE A 259 -1.25 -2.14 -14.71
N LYS A 260 -0.65 -2.72 -13.69
CA LYS A 260 -0.27 -4.13 -13.71
C LYS A 260 -1.17 -4.91 -12.75
N SER A 261 -1.28 -6.21 -12.98
CA SER A 261 -2.10 -7.07 -12.14
C SER A 261 -1.21 -7.82 -11.16
N SER A 262 0.07 -7.51 -11.17
CA SER A 262 1.02 -8.17 -10.29
C SER A 262 1.54 -7.25 -9.18
N ASN A 263 1.39 -5.94 -9.38
CA ASN A 263 1.84 -4.97 -8.37
C ASN A 263 0.90 -3.77 -8.30
N VAL A 264 1.27 -2.79 -7.48
CA VAL A 264 0.45 -1.59 -7.31
C VAL A 264 0.96 -0.38 -8.07
N ASN A 265 1.82 -0.59 -9.07
CA ASN A 265 2.35 0.52 -9.85
C ASN A 265 1.24 1.45 -10.32
N PHE A 266 1.56 2.74 -10.45
CA PHE A 266 0.57 3.72 -10.85
C PHE A 266 1.24 4.98 -11.39
N ASN A 267 0.43 5.85 -11.99
CA ASN A 267 0.91 7.12 -12.52
C ASN A 267 0.34 8.23 -11.65
N PRO A 268 1.15 9.24 -11.31
CA PRO A 268 0.66 10.34 -10.48
C PRO A 268 -0.70 10.85 -10.96
N THR A 269 -1.73 10.53 -10.19
CA THR A 269 -3.10 10.93 -10.52
C THR A 269 -3.58 12.11 -9.68
N ASN A 270 -4.51 12.89 -10.25
CA ASN A 270 -5.05 14.04 -9.56
C ASN A 270 -5.90 13.59 -8.37
N LEU A 271 -5.88 14.38 -7.30
CA LEU A 271 -6.64 14.07 -6.10
C LEU A 271 -8.14 14.08 -6.41
N THR A 272 -8.53 14.90 -7.38
CA THR A 272 -9.93 15.01 -7.78
C THR A 272 -10.07 15.96 -8.97
N ASP A 273 -11.30 16.12 -9.46
CA ASP A 273 -11.57 17.00 -10.58
C ASP A 273 -11.33 18.46 -10.19
N GLU A 274 -11.12 19.31 -11.17
CA GLU A 274 -10.87 20.73 -10.91
C GLU A 274 -12.13 21.59 -10.99
N ARG A 275 -11.94 22.89 -10.79
CA ARG A 275 -13.02 23.86 -10.86
C ARG A 275 -12.46 25.27 -10.86
N SER A 276 -13.28 26.23 -11.27
CA SER A 276 -12.89 27.64 -11.34
C SER A 276 -12.06 28.12 -10.15
N SER A 277 -12.70 28.20 -8.99
CA SER A 277 -12.02 28.65 -7.78
C SER A 277 -12.62 27.99 -6.55
N ILE A 278 -11.99 28.19 -5.39
CA ILE A 278 -12.47 27.61 -4.15
C ILE A 278 -13.87 28.13 -3.79
N THR A 279 -14.23 29.28 -4.35
CA THR A 279 -15.53 29.87 -4.08
C THR A 279 -16.53 29.65 -5.21
N TYR A 280 -16.17 28.82 -6.18
CA TYR A 280 -17.05 28.56 -7.30
C TYR A 280 -18.22 27.62 -6.98
N VAL A 281 -19.43 28.10 -7.27
CA VAL A 281 -20.64 27.33 -7.05
C VAL A 281 -21.61 27.74 -8.15
N PRO A 282 -21.94 26.82 -9.07
CA PRO A 282 -22.85 27.10 -10.18
C PRO A 282 -24.22 27.66 -9.78
N ASP A 283 -24.63 28.73 -10.47
CA ASP A 283 -25.93 29.34 -10.20
C ASP A 283 -26.98 28.54 -10.93
N THR A 284 -27.78 27.79 -10.17
CA THR A 284 -28.83 26.96 -10.76
C THR A 284 -30.21 27.62 -10.65
N ILE A 285 -30.25 28.81 -10.05
CA ILE A 285 -31.51 29.53 -9.90
C ILE A 285 -31.48 30.77 -10.79
N ARG A 286 -32.16 30.68 -11.93
CA ARG A 286 -32.23 31.77 -12.89
C ARG A 286 -33.62 31.91 -13.49
N PRO A 287 -34.54 32.54 -12.73
CA PRO A 287 -35.92 32.75 -13.19
C PRO A 287 -36.03 33.63 -14.44
N GLY B 1 -42.05 -38.87 -10.01
CA GLY B 1 -41.69 -38.15 -8.75
C GLY B 1 -42.69 -37.06 -8.40
N LEU B 2 -42.37 -36.23 -7.42
CA LEU B 2 -43.25 -35.15 -7.00
C LEU B 2 -43.53 -34.23 -8.17
N PRO B 3 -44.81 -34.13 -8.60
CA PRO B 3 -45.17 -33.26 -9.72
C PRO B 3 -44.71 -31.83 -9.46
N VAL B 4 -43.83 -31.33 -10.31
CA VAL B 4 -43.29 -29.98 -10.17
C VAL B 4 -43.50 -29.13 -11.42
N LEU B 5 -43.64 -27.82 -11.22
CA LEU B 5 -43.83 -26.89 -12.33
C LEU B 5 -42.81 -25.76 -12.22
N ASN B 6 -41.92 -25.67 -13.21
CA ASN B 6 -40.88 -24.65 -13.22
C ASN B 6 -41.44 -23.25 -13.47
N THR B 7 -41.06 -22.32 -12.59
CA THR B 7 -41.53 -20.94 -12.70
C THR B 7 -40.53 -20.09 -13.49
N PRO B 8 -41.02 -19.00 -14.12
CA PRO B 8 -40.13 -18.13 -14.90
C PRO B 8 -38.96 -17.63 -14.06
N GLY B 9 -37.77 -17.63 -14.66
CA GLY B 9 -36.58 -17.20 -13.95
C GLY B 9 -35.72 -18.39 -13.61
N SER B 10 -36.12 -19.56 -14.12
CA SER B 10 -35.38 -20.79 -13.88
C SER B 10 -34.15 -20.89 -14.78
N ASN B 11 -33.10 -21.51 -14.26
CA ASN B 11 -31.86 -21.70 -15.00
C ASN B 11 -31.15 -20.39 -15.34
N GLN B 12 -31.65 -19.27 -14.83
CA GLN B 12 -31.02 -17.99 -15.11
C GLN B 12 -29.90 -17.79 -14.09
N PHE B 13 -29.15 -16.71 -14.25
CA PHE B 13 -28.05 -16.41 -13.33
C PHE B 13 -28.02 -14.93 -12.99
N MET B 14 -28.53 -14.60 -11.81
CA MET B 14 -28.56 -13.23 -11.33
C MET B 14 -27.40 -13.01 -10.37
N THR B 15 -26.51 -12.09 -10.72
CA THR B 15 -25.33 -11.80 -9.91
C THR B 15 -25.63 -11.48 -8.44
N SER B 16 -26.87 -11.08 -8.16
CA SER B 16 -27.24 -10.74 -6.79
C SER B 16 -28.18 -11.75 -6.14
N ASP B 17 -28.19 -12.98 -6.63
CA ASP B 17 -29.05 -14.01 -6.07
C ASP B 17 -28.44 -14.46 -4.74
N ASP B 18 -28.90 -15.60 -4.24
CA ASP B 18 -28.38 -16.12 -2.97
C ASP B 18 -28.93 -17.51 -2.66
N PHE B 19 -28.43 -18.51 -3.37
CA PHE B 19 -28.87 -19.88 -3.17
C PHE B 19 -27.73 -20.73 -2.61
N GLN B 20 -28.03 -21.98 -2.30
CA GLN B 20 -27.03 -22.90 -1.79
C GLN B 20 -26.42 -23.60 -3.00
N SER B 21 -25.23 -24.15 -2.83
CA SER B 21 -24.55 -24.83 -3.91
C SER B 21 -23.52 -25.81 -3.38
N PRO B 22 -23.36 -26.97 -4.05
CA PRO B 22 -22.39 -27.99 -3.65
C PRO B 22 -20.96 -27.50 -3.58
N SER B 23 -20.25 -27.89 -2.53
CA SER B 23 -18.86 -27.49 -2.36
C SER B 23 -17.95 -28.37 -3.20
N ALA B 24 -17.06 -27.74 -3.96
CA ALA B 24 -16.13 -28.47 -4.82
C ALA B 24 -15.04 -29.13 -3.99
N MET B 25 -14.94 -28.73 -2.73
CA MET B 25 -13.93 -29.27 -1.82
C MET B 25 -14.57 -29.76 -0.53
N PRO B 26 -15.17 -30.96 -0.57
CA PRO B 26 -15.84 -31.57 0.58
C PRO B 26 -14.94 -31.79 1.80
N GLN B 27 -15.49 -31.50 2.98
CA GLN B 27 -14.77 -31.67 4.24
C GLN B 27 -13.44 -30.95 4.33
N PHE B 28 -13.35 -29.77 3.71
CA PHE B 28 -12.12 -29.00 3.76
C PHE B 28 -11.97 -28.40 5.15
N ASP B 29 -10.80 -28.57 5.76
CA ASP B 29 -10.56 -28.04 7.09
C ASP B 29 -10.07 -26.59 7.03
N VAL B 30 -11.00 -25.65 7.17
CA VAL B 30 -10.67 -24.23 7.13
C VAL B 30 -9.62 -23.87 8.16
N THR B 31 -8.71 -22.96 7.79
CA THR B 31 -7.65 -22.51 8.69
C THR B 31 -8.27 -21.85 9.92
N PRO B 32 -7.79 -22.21 11.13
CA PRO B 32 -8.31 -21.64 12.37
C PRO B 32 -8.48 -20.13 12.30
N HIS B 33 -9.59 -19.64 12.85
CA HIS B 33 -9.88 -18.21 12.86
C HIS B 33 -8.94 -17.48 13.83
N MET B 34 -8.42 -16.35 13.39
CA MET B 34 -7.53 -15.55 14.21
C MET B 34 -8.12 -14.16 14.40
N ASP B 35 -8.15 -13.70 15.65
CA ASP B 35 -8.70 -12.40 15.97
C ASP B 35 -7.76 -11.28 15.54
N ILE B 36 -8.05 -10.69 14.39
CA ILE B 36 -7.23 -9.61 13.84
C ILE B 36 -7.80 -8.24 14.20
N PRO B 37 -6.92 -7.29 14.56
CA PRO B 37 -7.34 -5.94 14.93
C PRO B 37 -8.04 -5.18 13.79
N GLY B 38 -8.87 -4.21 14.15
CA GLY B 38 -9.57 -3.39 13.17
C GLY B 38 -10.47 -4.10 12.18
N GLU B 39 -11.45 -4.85 12.68
CA GLU B 39 -12.39 -5.53 11.79
C GLU B 39 -13.52 -4.60 11.39
N VAL B 40 -13.96 -4.69 10.14
CA VAL B 40 -15.04 -3.87 9.66
C VAL B 40 -16.31 -4.71 9.52
N HIS B 41 -17.43 -4.17 10.00
CA HIS B 41 -18.70 -4.86 9.93
C HIS B 41 -19.62 -4.17 8.93
N ASN B 42 -19.62 -2.84 8.97
CA ASN B 42 -20.46 -2.05 8.09
C ASN B 42 -19.60 -0.93 7.48
N LEU B 43 -19.76 -0.72 6.17
CA LEU B 43 -18.98 0.30 5.48
C LEU B 43 -19.16 1.68 6.08
N MET B 44 -20.29 1.91 6.73
CA MET B 44 -20.56 3.20 7.35
C MET B 44 -19.53 3.51 8.43
N GLU B 45 -18.88 2.48 8.94
CA GLU B 45 -17.86 2.67 9.96
C GLU B 45 -16.71 3.46 9.37
N ILE B 46 -16.56 3.36 8.05
CA ILE B 46 -15.50 4.06 7.33
C ILE B 46 -15.92 5.48 6.95
N ALA B 47 -17.15 5.61 6.45
CA ALA B 47 -17.67 6.91 6.05
C ALA B 47 -17.83 7.85 7.24
N GLU B 48 -17.72 7.30 8.44
CA GLU B 48 -17.86 8.11 9.66
C GLU B 48 -16.51 8.59 10.17
N VAL B 49 -15.46 8.29 9.42
CA VAL B 49 -14.10 8.70 9.79
C VAL B 49 -13.71 9.96 9.02
N ASP B 50 -13.29 10.98 9.74
CA ASP B 50 -12.88 12.23 9.10
C ASP B 50 -11.73 12.01 8.13
N SER B 51 -11.80 12.71 7.00
CA SER B 51 -10.77 12.64 5.98
C SER B 51 -10.59 14.05 5.41
N VAL B 52 -9.34 14.42 5.17
CA VAL B 52 -9.04 15.76 4.65
C VAL B 52 -9.76 16.01 3.33
N VAL B 53 -10.42 17.16 3.24
CA VAL B 53 -11.16 17.55 2.05
C VAL B 53 -10.39 18.55 1.20
N PRO B 54 -10.22 18.25 -0.11
CA PRO B 54 -9.49 19.12 -1.03
C PRO B 54 -10.39 20.26 -1.53
N VAL B 55 -10.67 21.22 -0.65
CA VAL B 55 -11.50 22.37 -0.97
C VAL B 55 -10.89 23.25 -2.06
N ASN B 56 -9.56 23.39 -2.01
CA ASN B 56 -8.84 24.22 -2.97
C ASN B 56 -8.44 23.37 -4.18
N ASN B 57 -9.43 22.72 -4.79
CA ASN B 57 -9.19 21.86 -5.95
C ASN B 57 -9.14 22.59 -7.28
N ILE B 58 -8.24 23.55 -7.41
CA ILE B 58 -8.10 24.27 -8.66
C ILE B 58 -7.07 23.55 -9.51
N LYS B 59 -7.24 23.59 -10.84
CA LYS B 59 -6.36 22.92 -11.78
C LYS B 59 -4.88 22.89 -11.39
N ALA B 60 -4.37 24.01 -10.88
CA ALA B 60 -2.97 24.11 -10.51
C ALA B 60 -2.57 23.33 -9.26
N ASN B 61 -3.55 22.87 -8.49
CA ASN B 61 -3.25 22.11 -7.27
C ASN B 61 -3.77 20.68 -7.24
N LEU B 62 -4.30 20.22 -8.37
CA LEU B 62 -4.84 18.86 -8.45
C LEU B 62 -3.85 17.75 -8.11
N GLN B 63 -2.59 18.10 -7.87
CA GLN B 63 -1.59 17.11 -7.53
C GLN B 63 -0.58 17.60 -6.49
N SER B 64 -1.02 18.51 -5.63
CA SER B 64 -0.17 19.05 -4.58
C SER B 64 -0.98 19.17 -3.28
N MET B 65 -0.28 19.32 -2.17
CA MET B 65 -0.94 19.45 -0.88
C MET B 65 -1.73 20.76 -0.78
N ASP B 66 -1.51 21.65 -1.74
CA ASP B 66 -2.21 22.93 -1.75
C ASP B 66 -3.70 22.71 -1.98
N ALA B 67 -4.04 21.54 -2.51
CA ALA B 67 -5.44 21.21 -2.79
C ALA B 67 -6.24 21.19 -1.49
N TYR B 68 -5.56 20.89 -0.39
CA TYR B 68 -6.21 20.82 0.91
C TYR B 68 -6.12 22.13 1.67
N HIS B 69 -5.20 23.00 1.25
CA HIS B 69 -5.00 24.29 1.89
C HIS B 69 -6.13 25.29 1.68
N ILE B 70 -6.58 25.89 2.77
CA ILE B 70 -7.62 26.91 2.73
C ILE B 70 -7.04 28.11 3.43
N GLU B 71 -6.33 28.95 2.67
CA GLU B 71 -5.68 30.13 3.22
C GLU B 71 -6.59 31.17 3.84
N VAL B 72 -6.06 31.84 4.85
CA VAL B 72 -6.74 32.90 5.58
C VAL B 72 -5.65 33.93 5.85
N ASN B 73 -5.96 35.20 5.62
CA ASN B 73 -4.96 36.24 5.82
C ASN B 73 -5.36 37.31 6.82
N THR B 74 -4.36 38.04 7.29
CA THR B 74 -4.57 39.12 8.24
C THR B 74 -4.90 40.37 7.42
N GLY B 75 -5.57 41.33 8.03
CA GLY B 75 -5.94 42.53 7.32
C GLY B 75 -7.40 42.51 6.95
N ASN B 76 -7.92 43.65 6.51
CA ASN B 76 -9.33 43.77 6.15
C ASN B 76 -9.69 42.92 4.93
N TYR B 77 -10.67 42.03 5.11
CA TYR B 77 -11.14 41.17 4.04
C TYR B 77 -12.64 40.97 4.19
N GLN B 78 -13.29 41.98 4.77
CA GLN B 78 -14.73 41.94 4.99
C GLN B 78 -15.44 41.86 3.64
N GLY B 79 -16.54 41.11 3.59
CA GLY B 79 -17.28 40.97 2.35
C GLY B 79 -16.68 39.96 1.41
N GLU B 80 -15.49 39.45 1.76
CA GLU B 80 -14.82 38.46 0.93
C GLU B 80 -15.15 37.05 1.38
N LYS B 81 -15.51 36.21 0.42
CA LYS B 81 -15.87 34.82 0.69
C LYS B 81 -14.61 33.95 0.71
N ILE B 82 -14.27 33.41 1.87
CA ILE B 82 -13.08 32.57 2.00
C ILE B 82 -13.15 31.34 1.09
N PHE B 83 -14.33 30.74 1.01
CA PHE B 83 -14.53 29.57 0.16
C PHE B 83 -16.00 29.17 0.12
N ALA B 84 -16.35 28.26 -0.77
CA ALA B 84 -17.73 27.82 -0.90
C ALA B 84 -17.82 26.60 -1.82
N PHE B 85 -18.89 25.84 -1.67
CA PHE B 85 -19.11 24.65 -2.49
C PHE B 85 -20.50 24.08 -2.26
N GLN B 86 -20.93 23.20 -3.15
CA GLN B 86 -22.24 22.57 -3.05
C GLN B 86 -22.18 21.42 -2.07
N MET B 87 -23.35 20.93 -1.66
CA MET B 87 -23.42 19.82 -0.73
C MET B 87 -23.77 18.52 -1.44
N GLN B 88 -22.80 18.02 -2.20
CA GLN B 88 -22.96 16.77 -2.94
C GLN B 88 -21.86 15.83 -2.50
N PRO B 89 -22.06 15.15 -1.37
CA PRO B 89 -21.11 14.19 -0.78
C PRO B 89 -20.48 13.23 -1.76
N GLY B 90 -21.22 12.87 -2.81
CA GLY B 90 -20.69 11.94 -3.79
C GLY B 90 -20.50 12.49 -5.19
N LEU B 91 -21.08 13.65 -5.47
CA LEU B 91 -20.98 14.25 -6.79
C LEU B 91 -20.02 15.44 -6.81
N GLU B 92 -20.07 16.27 -5.77
CA GLU B 92 -19.21 17.44 -5.67
C GLU B 92 -17.74 17.03 -5.75
N SER B 93 -16.99 17.65 -6.64
CA SER B 93 -15.58 17.35 -6.82
C SER B 93 -14.78 17.48 -5.52
N VAL B 94 -15.28 18.33 -4.62
CA VAL B 94 -14.62 18.57 -3.34
C VAL B 94 -14.72 17.37 -2.40
N PHE B 95 -15.88 16.72 -2.37
CA PHE B 95 -16.11 15.56 -1.51
C PHE B 95 -15.98 14.25 -2.27
N LYS B 96 -16.30 14.30 -3.56
CA LYS B 96 -16.25 13.14 -4.45
C LYS B 96 -15.21 12.07 -4.11
N ARG B 97 -14.02 12.49 -3.68
CA ARG B 97 -12.95 11.55 -3.40
C ARG B 97 -12.61 11.26 -1.93
N THR B 98 -13.25 11.96 -1.00
CA THR B 98 -12.99 11.73 0.42
C THR B 98 -13.48 10.33 0.80
N LEU B 99 -12.97 9.80 1.92
CA LEU B 99 -13.39 8.47 2.38
C LEU B 99 -14.91 8.36 2.31
N MET B 100 -15.59 9.39 2.82
CA MET B 100 -17.04 9.42 2.83
C MET B 100 -17.59 9.30 1.40
N GLY B 101 -17.35 10.33 0.60
CA GLY B 101 -17.83 10.34 -0.76
C GLY B 101 -17.39 9.14 -1.58
N GLU B 102 -16.16 8.68 -1.33
CA GLU B 102 -15.63 7.54 -2.05
C GLU B 102 -16.49 6.30 -1.87
N ILE B 103 -17.13 6.19 -0.70
CA ILE B 103 -18.00 5.06 -0.40
C ILE B 103 -19.40 5.27 -0.99
N LEU B 104 -19.89 6.50 -0.91
CA LEU B 104 -21.20 6.83 -1.44
C LEU B 104 -21.31 6.48 -2.92
N ASN B 105 -20.18 6.47 -3.61
CA ASN B 105 -20.16 6.17 -5.03
C ASN B 105 -20.40 4.69 -5.36
N TYR B 106 -20.58 3.88 -4.32
CA TYR B 106 -20.86 2.48 -4.50
C TYR B 106 -22.36 2.29 -4.24
N TYR B 107 -23.02 3.41 -3.97
CA TYR B 107 -24.45 3.44 -3.70
C TYR B 107 -25.08 4.59 -4.46
N ALA B 108 -26.38 4.52 -4.70
CA ALA B 108 -27.09 5.56 -5.44
C ALA B 108 -27.91 6.47 -4.54
N HIS B 109 -28.22 5.99 -3.34
CA HIS B 109 -29.01 6.77 -2.39
C HIS B 109 -28.25 7.02 -1.10
N TRP B 110 -28.47 8.18 -0.49
CA TRP B 110 -27.81 8.54 0.75
C TRP B 110 -28.72 9.42 1.61
N SER B 111 -28.45 9.43 2.91
CA SER B 111 -29.24 10.23 3.85
C SER B 111 -28.48 10.40 5.16
N GLY B 112 -28.73 11.52 5.83
CA GLY B 112 -28.06 11.77 7.09
C GLY B 112 -27.32 13.09 7.13
N SER B 113 -26.74 13.42 8.27
CA SER B 113 -26.01 14.66 8.43
C SER B 113 -24.52 14.46 8.15
N ILE B 114 -23.80 15.57 8.02
CA ILE B 114 -22.37 15.52 7.73
C ILE B 114 -21.61 16.45 8.67
N LYS B 115 -20.45 15.98 9.14
CA LYS B 115 -19.63 16.77 10.04
C LYS B 115 -18.42 17.37 9.34
N LEU B 116 -18.46 18.68 9.14
CA LEU B 116 -17.35 19.39 8.51
C LEU B 116 -16.48 20.00 9.59
N THR B 117 -15.36 19.34 9.89
CA THR B 117 -14.45 19.82 10.92
C THR B 117 -13.36 20.69 10.31
N PHE B 118 -13.18 21.88 10.88
CA PHE B 118 -12.17 22.82 10.40
C PHE B 118 -11.07 22.99 11.45
N THR B 119 -9.83 22.88 11.01
CA THR B 119 -8.69 23.01 11.90
C THR B 119 -7.79 24.16 11.49
N PHE B 120 -7.51 25.06 12.43
CA PHE B 120 -6.64 26.20 12.17
C PHE B 120 -5.19 25.75 12.37
N CYS B 121 -4.38 25.89 11.33
CA CYS B 121 -2.98 25.47 11.41
C CYS B 121 -2.00 26.62 11.53
N GLY B 122 -2.52 27.82 11.82
CA GLY B 122 -1.65 28.97 11.96
C GLY B 122 -0.78 28.84 13.21
N SER B 123 -0.14 29.92 13.61
CA SER B 123 0.71 29.90 14.81
C SER B 123 -0.17 30.03 16.05
N ALA B 124 0.43 29.76 17.21
CA ALA B 124 -0.30 29.84 18.47
C ALA B 124 -0.62 31.29 18.86
N MET B 125 -0.05 32.24 18.13
CA MET B 125 -0.28 33.65 18.42
C MET B 125 -1.39 34.26 17.57
N ALA B 126 -1.70 33.62 16.45
CA ALA B 126 -2.75 34.10 15.55
C ALA B 126 -4.13 33.86 16.15
N THR B 127 -5.01 34.85 16.00
CA THR B 127 -6.36 34.75 16.52
C THR B 127 -7.36 35.14 15.43
N GLY B 128 -8.63 34.83 15.64
CA GLY B 128 -9.63 35.19 14.65
C GLY B 128 -10.95 34.46 14.81
N LYS B 129 -11.97 34.95 14.12
CA LYS B 129 -13.30 34.37 14.15
C LYS B 129 -13.84 34.23 12.74
N LEU B 130 -14.22 33.02 12.37
CA LEU B 130 -14.75 32.76 11.03
C LEU B 130 -16.23 32.37 11.13
N LEU B 131 -16.98 32.67 10.08
CA LEU B 131 -18.40 32.35 10.06
C LEU B 131 -18.64 31.23 9.05
N LEU B 132 -18.93 30.04 9.55
CA LEU B 132 -19.18 28.87 8.71
C LEU B 132 -20.69 28.72 8.55
N ALA B 133 -21.19 29.07 7.37
CA ALA B 133 -22.63 28.98 7.11
C ALA B 133 -23.02 27.90 6.12
N TYR B 134 -24.27 27.44 6.26
CA TYR B 134 -24.84 26.42 5.40
C TYR B 134 -26.25 26.86 4.99
N SER B 135 -26.47 27.02 3.69
CA SER B 135 -27.77 27.46 3.20
C SER B 135 -28.49 26.37 2.41
N PRO B 136 -29.67 25.96 2.88
CA PRO B 136 -30.46 24.92 2.21
C PRO B 136 -30.90 25.40 0.82
N PRO B 137 -31.17 24.46 -0.10
CA PRO B 137 -31.60 24.79 -1.46
C PRO B 137 -32.80 25.74 -1.48
N GLY B 138 -32.94 26.51 -2.55
CA GLY B 138 -34.06 27.42 -2.64
C GLY B 138 -33.72 28.82 -3.13
N ALA B 139 -32.63 29.38 -2.62
CA ALA B 139 -32.21 30.72 -3.02
C ALA B 139 -30.80 30.71 -3.58
N ASP B 140 -30.36 31.85 -4.11
CA ASP B 140 -29.03 31.97 -4.68
C ASP B 140 -27.96 31.87 -3.59
N VAL B 141 -26.75 31.51 -3.97
CA VAL B 141 -25.65 31.39 -3.03
C VAL B 141 -25.39 32.73 -2.36
N PRO B 142 -25.19 32.72 -1.03
CA PRO B 142 -24.94 33.95 -0.28
C PRO B 142 -23.80 34.78 -0.89
N ALA B 143 -24.14 35.99 -1.34
CA ALA B 143 -23.16 36.89 -1.95
C ALA B 143 -22.49 37.75 -0.88
N THR B 144 -23.17 37.93 0.24
CA THR B 144 -22.65 38.72 1.34
C THR B 144 -22.72 37.91 2.62
N ARG B 145 -22.02 38.37 3.66
CA ARG B 145 -22.01 37.67 4.93
C ARG B 145 -23.40 37.69 5.57
N LYS B 146 -24.13 38.78 5.35
CA LYS B 146 -25.47 38.90 5.89
C LYS B 146 -26.39 37.82 5.35
N GLN B 147 -26.30 37.57 4.05
CA GLN B 147 -27.12 36.55 3.41
C GLN B 147 -26.78 35.16 3.93
N ALA B 148 -25.48 34.90 4.09
CA ALA B 148 -25.01 33.61 4.58
C ALA B 148 -25.39 33.43 6.04
N MET B 149 -25.29 34.51 6.81
CA MET B 149 -25.61 34.51 8.23
C MET B 149 -27.07 34.17 8.53
N LEU B 150 -27.94 34.34 7.53
CA LEU B 150 -29.36 34.05 7.70
C LEU B 150 -29.62 32.55 7.74
N GLY B 151 -28.67 31.78 7.23
CA GLY B 151 -28.82 30.34 7.22
C GLY B 151 -28.14 29.67 8.40
N THR B 152 -28.18 28.34 8.42
CA THR B 152 -27.56 27.58 9.51
C THR B 152 -26.06 27.85 9.54
N HIS B 153 -25.61 28.66 10.49
CA HIS B 153 -24.19 28.98 10.57
C HIS B 153 -23.56 28.67 11.93
N MET B 154 -22.23 28.69 11.94
CA MET B 154 -21.43 28.42 13.12
C MET B 154 -20.29 29.42 13.20
N ILE B 155 -20.23 30.20 14.27
CA ILE B 155 -19.17 31.18 14.43
C ILE B 155 -18.01 30.54 15.19
N TRP B 156 -16.96 30.20 14.45
CA TRP B 156 -15.78 29.57 15.02
C TRP B 156 -14.75 30.55 15.56
N ASP B 157 -14.43 30.41 16.84
CA ASP B 157 -13.44 31.28 17.48
C ASP B 157 -12.16 30.48 17.68
N ILE B 158 -11.12 30.87 16.96
CA ILE B 158 -9.83 30.20 17.06
C ILE B 158 -9.19 30.40 18.43
N GLY B 159 -8.70 29.30 19.00
CA GLY B 159 -8.06 29.37 20.31
C GLY B 159 -7.31 28.08 20.60
N LEU B 160 -7.23 27.71 21.88
CA LEU B 160 -6.53 26.48 22.26
C LEU B 160 -7.11 25.29 21.51
N GLN B 161 -8.43 25.25 21.42
CA GLN B 161 -9.11 24.17 20.70
C GLN B 161 -8.96 24.47 19.21
N SER B 162 -8.02 23.77 18.58
CA SER B 162 -7.74 23.96 17.16
C SER B 162 -8.90 23.71 16.21
N SER B 163 -9.62 22.61 16.40
CA SER B 163 -10.73 22.26 15.53
C SER B 163 -12.10 22.78 15.95
N CYS B 164 -13.00 22.87 14.98
CA CYS B 164 -14.36 23.33 15.19
C CYS B 164 -15.25 22.60 14.21
N VAL B 165 -16.35 22.04 14.70
CA VAL B 165 -17.26 21.27 13.85
C VAL B 165 -18.50 22.01 13.38
N LEU B 166 -18.75 21.94 12.08
CA LEU B 166 -19.94 22.56 11.48
C LEU B 166 -20.80 21.40 10.99
N CYS B 167 -21.72 20.96 11.83
CA CYS B 167 -22.58 19.85 11.48
C CYS B 167 -23.70 20.30 10.55
N ILE B 168 -23.69 19.76 9.33
CA ILE B 168 -24.71 20.09 8.34
C ILE B 168 -25.89 19.16 8.53
N PRO B 169 -26.96 19.66 9.16
CA PRO B 169 -28.17 18.87 9.42
C PRO B 169 -28.84 18.39 8.14
N TRP B 170 -29.51 17.24 8.23
CA TRP B 170 -30.21 16.71 7.08
C TRP B 170 -31.57 17.39 6.98
N ILE B 171 -31.63 18.42 6.15
CA ILE B 171 -32.87 19.17 5.96
C ILE B 171 -33.34 18.95 4.52
N SER B 172 -33.86 17.77 4.26
CA SER B 172 -34.35 17.41 2.93
C SER B 172 -35.85 17.19 2.94
N GLN B 173 -36.45 17.26 1.75
CA GLN B 173 -37.88 17.04 1.61
C GLN B 173 -38.09 15.53 1.68
N THR B 174 -37.35 14.80 0.86
CA THR B 174 -37.44 13.35 0.81
C THR B 174 -36.51 12.71 1.85
N HIS B 175 -36.79 11.45 2.20
CA HIS B 175 -36.00 10.73 3.18
C HIS B 175 -34.59 10.48 2.69
N TYR B 176 -34.45 10.24 1.40
CA TYR B 176 -33.15 9.98 0.79
C TYR B 176 -32.84 10.93 -0.37
N ARG B 177 -31.58 10.95 -0.78
CA ARG B 177 -31.12 11.76 -1.88
C ARG B 177 -30.21 10.92 -2.77
N LEU B 178 -30.10 11.28 -4.04
CA LEU B 178 -29.26 10.54 -4.96
C LEU B 178 -27.82 10.99 -4.82
N VAL B 179 -26.87 10.05 -4.87
CA VAL B 179 -25.47 10.40 -4.78
C VAL B 179 -25.17 11.22 -6.03
N GLN B 180 -25.86 10.85 -7.11
CA GLN B 180 -25.75 11.53 -8.40
C GLN B 180 -26.76 12.67 -8.35
N GLN B 181 -26.65 13.47 -7.31
CA GLN B 181 -27.55 14.59 -7.09
C GLN B 181 -27.86 15.48 -8.29
N ASP B 182 -29.14 15.77 -8.46
CA ASP B 182 -29.62 16.63 -9.52
C ASP B 182 -30.21 17.85 -8.83
N GLU B 183 -30.85 18.73 -9.59
CA GLU B 183 -31.43 19.93 -8.98
C GLU B 183 -32.57 19.58 -8.04
N TYR B 184 -33.33 18.54 -8.37
CA TYR B 184 -34.45 18.12 -7.54
C TYR B 184 -33.99 17.74 -6.14
N THR B 185 -32.94 16.92 -6.08
CA THR B 185 -32.40 16.45 -4.80
C THR B 185 -31.23 17.33 -4.37
N SER B 186 -31.36 18.64 -4.59
CA SER B 186 -30.31 19.59 -4.20
C SER B 186 -30.15 19.57 -2.69
N ALA B 187 -28.95 19.84 -2.21
CA ALA B 187 -28.68 19.84 -0.78
C ALA B 187 -28.36 21.22 -0.23
N GLY B 188 -27.93 22.12 -1.11
CA GLY B 188 -27.60 23.47 -0.67
C GLY B 188 -26.13 23.77 -0.84
N ASN B 189 -25.67 24.84 -0.20
CA ASN B 189 -24.26 25.24 -0.31
C ASN B 189 -23.67 25.58 1.05
N VAL B 190 -22.33 25.66 1.09
CA VAL B 190 -21.62 25.99 2.32
C VAL B 190 -20.60 27.09 2.02
N THR B 191 -20.79 28.25 2.64
CA THR B 191 -19.90 29.38 2.43
C THR B 191 -19.23 29.82 3.73
N CYS B 192 -17.95 30.15 3.65
CA CYS B 192 -17.20 30.60 4.81
C CYS B 192 -16.82 32.07 4.68
N TRP B 193 -16.96 32.81 5.77
CA TRP B 193 -16.64 34.24 5.77
C TRP B 193 -15.83 34.61 7.00
N TYR B 194 -15.42 35.88 7.06
CA TYR B 194 -14.65 36.39 8.19
C TYR B 194 -15.62 37.04 9.18
N GLN B 195 -15.78 36.44 10.35
CA GLN B 195 -16.67 37.01 11.36
C GLN B 195 -16.05 38.32 11.81
N THR B 196 -14.75 38.30 12.06
CA THR B 196 -14.01 39.47 12.48
C THR B 196 -12.79 39.61 11.59
N GLY B 197 -11.72 38.91 11.95
CA GLY B 197 -10.50 38.97 11.17
C GLY B 197 -9.39 38.23 11.89
N ILE B 198 -8.27 38.04 11.21
CA ILE B 198 -7.14 37.35 11.81
C ILE B 198 -6.04 38.31 12.23
N VAL B 199 -6.02 38.63 13.52
CA VAL B 199 -5.00 39.53 14.06
C VAL B 199 -3.77 38.72 14.44
N VAL B 200 -2.59 39.30 14.21
CA VAL B 200 -1.33 38.60 14.50
C VAL B 200 -0.27 39.56 15.03
N PRO B 201 0.61 39.06 15.93
CA PRO B 201 1.68 39.87 16.51
C PRO B 201 2.84 40.06 15.51
N PRO B 202 3.79 40.94 15.83
CA PRO B 202 4.93 41.18 14.94
C PRO B 202 5.79 39.92 14.84
N GLY B 203 6.45 39.73 13.71
CA GLY B 203 7.30 38.58 13.52
C GLY B 203 6.53 37.27 13.46
N THR B 204 5.36 37.29 12.83
CA THR B 204 4.53 36.10 12.71
C THR B 204 3.87 36.09 11.33
N PRO B 205 3.79 34.91 10.69
CA PRO B 205 3.18 34.78 9.37
C PRO B 205 1.83 35.49 9.28
N ASN B 206 1.45 35.94 8.08
CA ASN B 206 0.20 36.63 7.87
C ASN B 206 -0.81 35.74 7.14
N LYS B 207 -0.30 34.64 6.58
CA LYS B 207 -1.15 33.69 5.88
C LYS B 207 -1.14 32.38 6.65
N CYS B 208 -2.32 31.81 6.86
CA CYS B 208 -2.43 30.56 7.59
C CYS B 208 -3.25 29.53 6.84
N VAL B 209 -2.98 28.26 7.10
CA VAL B 209 -3.69 27.18 6.45
C VAL B 209 -4.80 26.64 7.35
N VAL B 210 -5.96 26.37 6.75
CA VAL B 210 -7.09 25.85 7.47
C VAL B 210 -7.55 24.58 6.78
N LEU B 211 -7.31 23.43 7.41
CA LEU B 211 -7.69 22.15 6.84
C LEU B 211 -9.17 21.85 7.09
N CYS B 212 -9.78 21.12 6.16
CA CYS B 212 -11.17 20.75 6.27
C CYS B 212 -11.35 19.24 6.28
N PHE B 213 -12.14 18.74 7.22
CA PHE B 213 -12.40 17.31 7.35
C PHE B 213 -13.89 17.04 7.17
N ALA B 214 -14.22 15.92 6.54
CA ALA B 214 -15.61 15.56 6.31
C ALA B 214 -15.88 14.11 6.67
N SER B 215 -17.00 13.87 7.36
CA SER B 215 -17.39 12.53 7.75
C SER B 215 -18.89 12.47 8.02
N ALA B 216 -19.44 11.27 8.03
CA ALA B 216 -20.87 11.07 8.28
C ALA B 216 -21.17 11.00 9.77
N CYS B 217 -22.43 11.25 10.11
CA CYS B 217 -22.86 11.21 11.51
C CYS B 217 -23.50 9.86 11.83
N ASN B 218 -24.03 9.73 13.04
CA ASN B 218 -24.67 8.50 13.46
C ASN B 218 -26.04 8.33 12.82
N ASP B 219 -26.46 9.33 12.05
CA ASP B 219 -27.75 9.28 11.38
C ASP B 219 -27.61 9.12 9.87
N PHE B 220 -26.39 8.82 9.43
CA PHE B 220 -26.11 8.67 8.01
C PHE B 220 -26.33 7.23 7.54
N SER B 221 -26.59 7.07 6.24
CA SER B 221 -26.80 5.74 5.66
C SER B 221 -26.93 5.79 4.13
N VAL B 222 -26.39 4.76 3.48
CA VAL B 222 -26.44 4.64 2.03
C VAL B 222 -27.53 3.61 1.73
N ARG B 223 -27.86 3.40 0.45
CA ARG B 223 -28.92 2.44 0.16
C ARG B 223 -28.95 1.68 -1.16
N MET B 224 -28.58 2.33 -2.26
CA MET B 224 -28.62 1.65 -3.56
C MET B 224 -27.28 1.17 -4.11
N LEU B 225 -26.98 -0.12 -3.93
CA LEU B 225 -25.72 -0.67 -4.42
C LEU B 225 -25.52 -0.49 -5.91
N ARG B 226 -24.39 0.11 -6.28
CA ARG B 226 -24.05 0.36 -7.67
C ARG B 226 -22.53 0.32 -7.82
N ASP B 227 -22.05 0.35 -9.05
CA ASP B 227 -20.62 0.35 -9.31
C ASP B 227 -20.08 1.77 -9.31
N THR B 228 -18.88 1.94 -8.76
CA THR B 228 -18.27 3.26 -8.69
C THR B 228 -17.74 3.69 -10.06
N PRO B 229 -17.99 4.95 -10.43
CA PRO B 229 -17.54 5.48 -11.72
C PRO B 229 -16.11 6.03 -11.68
N PHE B 230 -15.33 5.61 -10.69
CA PHE B 230 -13.96 6.09 -10.57
C PHE B 230 -12.92 5.01 -10.87
N ILE B 231 -13.32 3.97 -11.60
CA ILE B 231 -12.40 2.91 -11.93
C ILE B 231 -12.88 2.11 -13.14
N GLY B 232 -11.98 1.89 -14.07
CA GLY B 232 -12.31 1.14 -15.28
C GLY B 232 -11.07 0.68 -15.99
N GLN B 233 -11.24 0.02 -17.13
CA GLN B 233 -10.10 -0.47 -17.89
C GLN B 233 -10.51 -0.69 -19.34
N THR B 234 -9.52 -0.89 -20.20
CA THR B 234 -9.75 -1.12 -21.62
C THR B 234 -9.38 -2.54 -22.03
N ALA B 235 -8.79 -3.29 -21.11
CA ALA B 235 -8.39 -4.66 -21.38
C ALA B 235 -7.84 -5.33 -20.11
N LEU B 236 -7.87 -6.65 -20.07
CA LEU B 236 -7.37 -7.40 -18.92
C LEU B 236 -5.95 -6.98 -18.57
N LEU B 237 -5.71 -6.71 -17.29
CA LEU B 237 -4.40 -6.31 -16.83
C LEU B 237 -3.46 -7.51 -16.90
N GLN B 238 -2.15 -7.24 -16.87
CA GLN B 238 -1.15 -8.31 -16.92
C GLN B 238 0.11 -7.90 -16.17
N SER C 9 -4.35 18.06 34.15
CA SER C 9 -3.99 18.42 32.75
C SER C 9 -3.61 17.18 31.94
N ASP C 10 -4.39 16.88 30.90
CA ASP C 10 -4.12 15.73 30.04
C ASP C 10 -3.06 16.06 29.00
N ARG C 11 -2.55 17.28 29.06
CA ARG C 11 -1.51 17.73 28.13
C ARG C 11 -0.21 17.00 28.41
N VAL C 12 0.14 16.90 29.69
CA VAL C 12 1.35 16.23 30.10
C VAL C 12 1.13 14.72 30.20
N ARG C 13 2.13 13.96 29.76
CA ARG C 13 2.05 12.50 29.79
C ARG C 13 3.46 11.92 29.93
N SER C 14 3.54 10.70 30.43
CA SER C 14 4.82 10.04 30.61
C SER C 14 4.75 8.61 30.11
N LEU C 15 5.79 8.16 29.41
CA LEU C 15 5.83 6.81 28.88
C LEU C 15 7.06 6.09 29.43
N THR C 16 6.86 4.87 29.92
CA THR C 16 7.96 4.10 30.48
C THR C 16 7.98 2.66 29.98
N LEU C 17 9.03 2.31 29.24
CA LEU C 17 9.20 0.97 28.71
C LEU C 17 10.65 0.57 28.87
N GLY C 18 10.90 -0.46 29.67
CA GLY C 18 12.27 -0.90 29.90
C GLY C 18 13.04 0.15 30.66
N ASN C 19 14.26 0.44 30.23
CA ASN C 19 15.10 1.44 30.89
C ASN C 19 14.98 2.79 30.19
N SER C 20 13.88 2.99 29.48
CA SER C 20 13.65 4.25 28.77
C SER C 20 12.36 4.93 29.21
N THR C 21 12.38 6.25 29.24
CA THR C 21 11.22 7.04 29.62
C THR C 21 11.12 8.30 28.79
N ILE C 22 9.93 8.56 28.26
CA ILE C 22 9.70 9.75 27.46
C ILE C 22 8.79 10.71 28.21
N THR C 23 9.04 12.00 28.04
CA THR C 23 8.25 13.02 28.72
C THR C 23 7.61 13.96 27.70
N THR C 24 6.43 14.47 28.05
CA THR C 24 5.72 15.40 27.17
C THR C 24 4.89 16.36 28.00
N GLN C 25 4.80 17.60 27.54
CA GLN C 25 4.02 18.60 28.25
C GLN C 25 3.00 19.22 27.30
N GLU C 26 2.97 18.71 26.08
CA GLU C 26 2.05 19.17 25.06
C GLU C 26 1.68 18.06 24.09
N SER C 27 0.97 17.06 24.59
CA SER C 27 0.54 15.94 23.75
C SER C 27 -0.96 16.08 23.52
N ALA C 28 -1.52 15.17 22.73
CA ALA C 28 -2.95 15.19 22.44
C ALA C 28 -3.52 13.79 22.57
N ASN C 29 -3.58 13.30 23.81
CA ASN C 29 -4.10 11.97 24.08
C ASN C 29 -3.16 10.94 23.44
N VAL C 30 -3.62 9.69 23.37
CA VAL C 30 -2.82 8.63 22.77
C VAL C 30 -3.72 7.70 21.94
N VAL C 31 -3.36 7.53 20.68
CA VAL C 31 -4.13 6.66 19.81
C VAL C 31 -3.68 5.23 20.02
N VAL C 32 -4.63 4.33 20.26
CA VAL C 32 -4.31 2.93 20.47
C VAL C 32 -4.76 2.08 19.30
N GLY C 33 -3.83 1.85 18.37
CA GLY C 33 -4.12 1.05 17.19
C GLY C 33 -5.57 1.03 16.80
N TYR C 34 -6.09 -0.16 16.51
CA TYR C 34 -7.49 -0.30 16.13
C TYR C 34 -8.31 -0.65 17.35
N GLY C 35 -8.07 0.09 18.43
CA GLY C 35 -8.78 -0.14 19.67
C GLY C 35 -8.12 -1.22 20.50
N ARG C 36 -7.14 -1.89 19.92
CA ARG C 36 -6.44 -2.96 20.63
C ARG C 36 -5.07 -2.54 21.17
N TRP C 37 -4.65 -3.24 22.22
CA TRP C 37 -3.37 -2.98 22.87
C TRP C 37 -2.51 -4.23 22.69
N PRO C 38 -1.20 -4.03 22.44
CA PRO C 38 -0.26 -5.15 22.25
C PRO C 38 -0.41 -6.27 23.28
N GLU C 39 -0.39 -7.51 22.80
CA GLU C 39 -0.52 -8.68 23.67
C GLU C 39 0.24 -9.87 23.09
N TYR C 40 0.76 -10.72 23.97
CA TYR C 40 1.49 -11.90 23.54
C TYR C 40 0.54 -12.88 22.84
N LEU C 41 1.10 -13.74 22.01
CA LEU C 41 0.30 -14.72 21.27
C LEU C 41 -0.28 -15.78 22.19
N ARG C 42 -1.58 -16.02 22.09
CA ARG C 42 -2.25 -17.02 22.91
C ARG C 42 -2.04 -18.43 22.38
N ASP C 43 -2.26 -19.42 23.24
CA ASP C 43 -2.09 -20.82 22.86
C ASP C 43 -3.09 -21.29 21.81
N ASP C 44 -4.29 -20.72 21.83
CA ASP C 44 -5.32 -21.10 20.87
C ASP C 44 -5.21 -20.34 19.55
N GLU C 45 -4.07 -19.69 19.34
CA GLU C 45 -3.83 -18.95 18.11
C GLU C 45 -2.39 -19.14 17.64
N ALA C 46 -1.61 -19.90 18.40
CA ALA C 46 -0.22 -20.15 18.06
C ALA C 46 -0.09 -21.27 17.03
N THR C 47 1.04 -21.28 16.32
CA THR C 47 1.32 -22.30 15.30
C THR C 47 2.68 -22.91 15.59
N ALA C 48 3.67 -22.05 15.83
CA ALA C 48 5.03 -22.51 16.13
C ALA C 48 4.99 -23.28 17.44
N GLU C 49 5.37 -24.56 17.38
CA GLU C 49 5.36 -25.41 18.55
C GLU C 49 6.48 -25.15 19.55
N ASP C 50 7.62 -24.67 19.07
CA ASP C 50 8.75 -24.40 19.96
C ASP C 50 8.40 -23.27 20.93
N GLN C 51 8.94 -23.35 22.14
CA GLN C 51 8.67 -22.32 23.13
C GLN C 51 9.36 -21.01 22.73
N PRO C 52 8.58 -19.94 22.56
CA PRO C 52 9.14 -18.64 22.17
C PRO C 52 9.99 -18.01 23.26
N THR C 53 10.79 -17.02 22.86
CA THR C 53 11.64 -16.30 23.78
C THR C 53 11.06 -14.90 23.92
N GLN C 54 11.10 -14.36 25.13
CA GLN C 54 10.55 -13.03 25.37
C GLN C 54 11.54 -12.18 26.17
N PRO C 55 12.50 -11.56 25.47
CA PRO C 55 13.53 -10.72 26.08
C PRO C 55 12.95 -9.64 26.99
N ASP C 56 11.70 -9.27 26.74
CA ASP C 56 11.02 -8.27 27.55
C ASP C 56 11.73 -6.91 27.54
N VAL C 57 12.14 -6.45 28.71
CA VAL C 57 12.82 -5.16 28.83
C VAL C 57 14.06 -5.03 27.95
N ALA C 58 14.62 -6.15 27.53
CA ALA C 58 15.81 -6.14 26.68
C ALA C 58 15.54 -5.60 25.29
N THR C 59 14.38 -5.92 24.73
CA THR C 59 14.02 -5.45 23.39
C THR C 59 12.86 -4.48 23.40
N CYS C 60 11.99 -4.58 24.41
CA CYS C 60 10.83 -3.71 24.51
C CYS C 60 11.21 -2.42 25.24
N ARG C 61 11.84 -1.51 24.51
CA ARG C 61 12.27 -0.23 25.06
C ARG C 61 12.24 0.81 23.93
N PHE C 62 12.39 2.08 24.29
CA PHE C 62 12.37 3.15 23.28
C PHE C 62 13.64 3.30 22.48
N TYR C 63 13.52 3.14 21.16
CA TYR C 63 14.64 3.26 20.25
C TYR C 63 14.45 4.53 19.41
N THR C 64 15.39 5.46 19.53
CA THR C 64 15.32 6.72 18.79
C THR C 64 16.07 6.60 17.46
N LEU C 65 15.41 6.97 16.37
CA LEU C 65 16.01 6.91 15.04
C LEU C 65 16.61 8.25 14.65
N GLU C 66 17.37 8.26 13.55
CA GLU C 66 17.99 9.50 13.07
C GLU C 66 16.94 10.58 12.88
N SER C 67 17.19 11.76 13.45
CA SER C 67 16.27 12.87 13.35
C SER C 67 16.20 13.35 11.91
N VAL C 68 15.15 14.10 11.59
CA VAL C 68 14.95 14.64 10.25
C VAL C 68 14.64 16.12 10.35
N GLN C 69 15.01 16.88 9.33
CA GLN C 69 14.77 18.32 9.35
C GLN C 69 13.53 18.70 8.55
N TRP C 70 12.65 19.46 9.19
CA TRP C 70 11.41 19.91 8.55
C TRP C 70 11.69 21.28 7.94
N GLU C 71 11.55 21.37 6.63
CA GLU C 71 11.80 22.62 5.91
C GLU C 71 10.54 23.13 5.22
N LYS C 72 10.51 24.42 4.93
CA LYS C 72 9.36 25.04 4.27
C LYS C 72 8.94 24.32 2.99
N ASN C 73 9.85 23.53 2.43
CA ASN C 73 9.57 22.81 1.20
C ASN C 73 9.57 21.29 1.37
N SER C 74 9.58 20.82 2.62
CA SER C 74 9.57 19.39 2.89
C SER C 74 8.23 18.79 2.47
N ALA C 75 8.28 17.65 1.80
CA ALA C 75 7.07 16.99 1.32
C ALA C 75 6.62 15.83 2.22
N GLY C 76 7.55 15.28 2.99
CA GLY C 76 7.20 14.17 3.86
C GLY C 76 8.33 13.15 4.01
N TRP C 77 8.09 12.15 4.86
CA TRP C 77 9.07 11.10 5.11
C TRP C 77 8.33 9.80 5.43
N TRP C 78 9.08 8.70 5.46
CA TRP C 78 8.48 7.41 5.77
C TRP C 78 9.51 6.36 6.20
N TRP C 79 9.12 5.52 7.15
CA TRP C 79 9.97 4.46 7.67
C TRP C 79 9.22 3.14 7.61
N LYS C 80 9.94 2.04 7.49
CA LYS C 80 9.31 0.73 7.43
C LYS C 80 9.81 -0.14 8.57
N PHE C 81 8.89 -0.73 9.33
CA PHE C 81 9.25 -1.57 10.46
C PHE C 81 8.76 -3.01 10.24
N PRO C 82 9.37 -3.97 10.96
CA PRO C 82 10.45 -3.79 11.94
C PRO C 82 11.83 -3.62 11.31
N GLU C 83 11.88 -3.66 9.98
CA GLU C 83 13.13 -3.52 9.25
C GLU C 83 14.01 -2.36 9.73
N ALA C 84 13.40 -1.18 9.88
CA ALA C 84 14.12 0.01 10.32
C ALA C 84 14.87 -0.17 11.64
N LEU C 85 14.49 -1.19 12.41
CA LEU C 85 15.12 -1.44 13.71
C LEU C 85 16.03 -2.67 13.69
N LYS C 86 16.55 -3.00 12.51
CA LYS C 86 17.41 -4.18 12.37
C LYS C 86 18.74 -4.03 13.10
N ASP C 87 19.18 -2.79 13.32
CA ASP C 87 20.44 -2.55 13.99
C ASP C 87 20.27 -1.88 15.36
N MET C 88 19.08 -2.03 15.94
CA MET C 88 18.80 -1.43 17.23
C MET C 88 18.96 -2.42 18.39
N GLY C 89 20.04 -2.25 19.15
CA GLY C 89 20.31 -3.11 20.29
C GLY C 89 19.99 -4.58 20.14
N LEU C 90 19.37 -5.14 21.16
CA LEU C 90 19.01 -6.56 21.17
C LEU C 90 17.76 -6.88 20.36
N PHE C 91 16.94 -5.86 20.07
CA PHE C 91 15.75 -6.09 19.27
C PHE C 91 16.18 -6.53 17.88
N GLY C 92 17.27 -5.94 17.41
CA GLY C 92 17.78 -6.29 16.09
C GLY C 92 18.51 -7.61 16.10
N GLN C 93 19.09 -7.96 17.24
CA GLN C 93 19.81 -9.21 17.38
C GLN C 93 18.87 -10.41 17.32
N ASN C 94 17.67 -10.25 17.89
CA ASN C 94 16.70 -11.32 17.89
C ASN C 94 16.11 -11.52 16.49
N MET C 95 16.12 -10.45 15.69
CA MET C 95 15.61 -10.50 14.33
C MET C 95 16.53 -11.36 13.48
N LEU C 96 17.84 -11.25 13.76
CA LEU C 96 18.85 -11.99 13.02
C LEU C 96 18.83 -13.48 13.34
N TYR C 97 18.85 -13.79 14.64
CA TYR C 97 18.86 -15.18 15.11
C TYR C 97 17.54 -15.94 15.07
N HIS C 98 16.43 -15.24 14.83
CA HIS C 98 15.14 -15.92 14.78
C HIS C 98 14.45 -15.84 13.43
N TYR C 99 13.70 -16.89 13.12
CA TYR C 99 12.96 -16.99 11.87
C TYR C 99 11.63 -16.25 11.97
N LEU C 100 10.99 -16.34 13.14
CA LEU C 100 9.71 -15.69 13.36
C LEU C 100 9.76 -14.63 14.46
N GLY C 101 8.94 -13.60 14.29
CA GLY C 101 8.89 -12.52 15.27
C GLY C 101 7.49 -11.95 15.41
N ARG C 102 7.25 -11.23 16.49
CA ARG C 102 5.95 -10.63 16.76
C ARG C 102 6.14 -9.52 17.78
N ALA C 103 5.67 -8.31 17.47
CA ALA C 103 5.82 -7.19 18.39
C ALA C 103 4.70 -6.15 18.29
N GLY C 104 4.61 -5.30 19.29
CA GLY C 104 3.58 -4.28 19.33
C GLY C 104 4.02 -2.95 18.75
N TYR C 105 4.91 -2.26 19.47
CA TYR C 105 5.43 -0.95 19.06
C TYR C 105 4.61 0.24 19.55
N THR C 106 5.31 1.23 20.08
CA THR C 106 4.69 2.45 20.56
C THR C 106 5.41 3.60 19.84
N ILE C 107 4.81 4.07 18.76
CA ILE C 107 5.39 5.15 17.97
C ILE C 107 5.22 6.49 18.67
N HIS C 108 6.32 7.23 18.81
CA HIS C 108 6.29 8.53 19.45
C HIS C 108 7.11 9.54 18.63
N VAL C 109 6.41 10.33 17.82
CA VAL C 109 7.07 11.33 16.99
C VAL C 109 7.13 12.68 17.70
N GLN C 110 8.35 13.21 17.85
CA GLN C 110 8.56 14.49 18.50
C GLN C 110 8.84 15.58 17.49
N CYS C 111 8.43 16.81 17.81
CA CYS C 111 8.64 17.95 16.95
C CYS C 111 8.11 19.21 17.60
N ASN C 112 9.01 20.01 18.16
CA ASN C 112 8.63 21.24 18.82
C ASN C 112 9.10 22.47 18.04
N ALA C 113 8.40 23.58 18.23
CA ALA C 113 8.72 24.84 17.56
C ALA C 113 8.51 25.98 18.55
N SER C 114 7.51 26.81 18.28
CA SER C 114 7.19 27.94 19.15
C SER C 114 5.83 28.52 18.77
N LYS C 115 5.28 29.35 19.65
CA LYS C 115 3.99 29.96 19.40
C LYS C 115 4.03 30.90 18.20
N PHE C 116 5.22 31.06 17.62
CA PHE C 116 5.40 31.93 16.47
C PHE C 116 5.63 31.17 15.17
N HIS C 117 5.77 29.85 15.27
CA HIS C 117 5.95 29.00 14.10
C HIS C 117 4.60 28.40 13.78
N GLN C 118 4.48 27.81 12.60
CA GLN C 118 3.22 27.18 12.20
C GLN C 118 3.48 26.03 11.25
N GLY C 119 2.60 25.04 11.29
CA GLY C 119 2.74 23.88 10.44
C GLY C 119 1.94 22.74 11.04
N CYS C 120 1.65 21.73 10.24
CA CYS C 120 0.87 20.59 10.72
C CYS C 120 1.31 19.31 10.03
N LEU C 121 1.76 18.35 10.82
CA LEU C 121 2.22 17.07 10.29
C LEU C 121 1.15 16.00 10.48
N LEU C 122 1.26 14.92 9.72
CA LEU C 122 0.32 13.82 9.82
C LEU C 122 1.08 12.53 10.11
N VAL C 123 1.10 12.12 11.38
CA VAL C 123 1.79 10.90 11.77
C VAL C 123 0.83 9.73 11.59
N VAL C 124 1.16 8.83 10.67
CA VAL C 124 0.29 7.68 10.39
C VAL C 124 1.05 6.36 10.33
N CYS C 125 0.36 5.29 10.67
CA CYS C 125 0.91 3.93 10.63
C CYS C 125 0.09 3.15 9.63
N VAL C 126 0.70 2.86 8.48
CA VAL C 126 0.00 2.13 7.42
C VAL C 126 0.41 0.66 7.33
N PRO C 127 -0.50 -0.24 7.73
CA PRO C 127 -0.24 -1.68 7.69
C PRO C 127 -0.14 -2.15 6.23
N GLU C 128 0.83 -3.00 5.94
CA GLU C 128 1.01 -3.51 4.58
C GLU C 128 1.01 -2.35 3.58
N ALA C 129 1.89 -1.37 3.80
CA ALA C 129 1.98 -0.22 2.93
C ALA C 129 2.74 -0.54 1.64
N GLU C 130 2.18 -1.44 0.84
CA GLU C 130 2.80 -1.84 -0.42
C GLU C 130 2.89 -0.59 -1.29
N MET C 131 4.09 -0.27 -1.75
CA MET C 131 4.29 0.93 -2.57
C MET C 131 4.60 0.64 -4.03
N GLY C 132 4.33 1.63 -4.88
CA GLY C 132 4.57 1.49 -6.31
C GLY C 132 5.92 2.02 -6.77
N CYS C 133 6.26 1.71 -8.02
CA CYS C 133 7.53 2.13 -8.61
C CYS C 133 7.39 3.42 -9.43
N SER C 134 8.49 4.16 -9.56
CA SER C 134 8.50 5.39 -10.31
C SER C 134 8.15 5.07 -11.76
N GLN C 135 8.85 4.09 -12.31
CA GLN C 135 8.61 3.64 -13.68
C GLN C 135 7.67 2.45 -13.62
N THR C 136 6.39 2.73 -13.84
CA THR C 136 5.33 1.73 -13.80
C THR C 136 5.62 0.45 -14.59
N ASP C 137 6.61 0.50 -15.46
CA ASP C 137 6.95 -0.67 -16.27
C ASP C 137 8.00 -1.55 -15.59
N LYS C 138 8.63 -1.02 -14.55
CA LYS C 138 9.65 -1.77 -13.82
C LYS C 138 9.21 -2.08 -12.39
N GLU C 139 10.12 -2.68 -11.62
CA GLU C 139 9.84 -3.04 -10.23
C GLU C 139 10.67 -2.19 -9.28
N VAL C 140 10.39 -2.32 -7.98
CA VAL C 140 11.10 -1.56 -6.96
C VAL C 140 12.15 -2.43 -6.27
N ALA C 141 13.13 -1.79 -5.65
CA ALA C 141 14.19 -2.49 -4.94
C ALA C 141 14.05 -2.24 -3.45
N ALA C 142 14.27 -3.28 -2.64
CA ALA C 142 14.16 -3.16 -1.20
C ALA C 142 14.93 -1.94 -0.70
N MET C 143 16.08 -1.70 -1.31
CA MET C 143 16.94 -0.57 -0.97
C MET C 143 16.21 0.76 -1.08
N ASN C 144 15.20 0.82 -1.95
CA ASN C 144 14.44 2.03 -2.16
C ASN C 144 13.16 2.08 -1.34
N LEU C 145 12.81 0.95 -0.73
CA LEU C 145 11.62 0.87 0.11
C LEU C 145 11.97 1.28 1.54
N THR C 146 13.01 0.67 2.08
CA THR C 146 13.46 0.96 3.43
C THR C 146 14.97 0.80 3.53
N LYS C 147 15.61 1.76 4.19
CA LYS C 147 17.05 1.76 4.36
C LYS C 147 17.46 1.99 5.81
N GLY C 148 17.19 1.00 6.66
CA GLY C 148 17.55 1.12 8.06
C GLY C 148 16.85 2.29 8.73
N GLU C 149 17.48 2.87 9.75
CA GLU C 149 16.91 4.00 10.46
C GLU C 149 16.95 5.27 9.62
N ALA C 150 17.47 5.17 8.41
CA ALA C 150 17.55 6.30 7.49
C ALA C 150 16.19 6.44 6.82
N ALA C 151 15.58 7.60 6.95
CA ALA C 151 14.26 7.83 6.38
C ALA C 151 14.25 8.18 4.89
N HIS C 152 13.23 7.69 4.20
CA HIS C 152 13.04 7.97 2.79
C HIS C 152 12.09 9.15 2.82
N LYS C 153 12.18 10.05 1.83
CA LYS C 153 11.29 11.20 1.84
C LYS C 153 10.43 11.33 0.58
N PHE C 154 9.24 11.89 0.78
CA PHE C 154 8.31 12.10 -0.32
C PHE C 154 8.70 13.38 -1.05
N GLU C 155 8.39 13.43 -2.34
CA GLU C 155 8.71 14.59 -3.15
C GLU C 155 7.44 15.31 -3.60
N PRO C 156 7.49 16.64 -3.70
CA PRO C 156 6.32 17.42 -4.12
C PRO C 156 6.00 17.22 -5.60
N THR C 157 6.89 16.52 -6.31
CA THR C 157 6.71 16.26 -7.72
C THR C 157 6.98 14.79 -8.05
N LYS C 158 6.70 14.40 -9.29
CA LYS C 158 6.89 13.03 -9.74
C LYS C 158 8.36 12.62 -9.73
N THR C 159 8.61 11.33 -9.54
CA THR C 159 9.97 10.79 -9.53
C THR C 159 10.21 10.06 -10.85
N ASN C 160 11.47 9.72 -11.12
CA ASN C 160 11.80 9.04 -12.37
C ASN C 160 12.67 7.81 -12.20
N GLY C 161 13.26 7.66 -11.03
CA GLY C 161 14.13 6.52 -10.76
C GLY C 161 13.74 5.21 -11.41
N GLU C 162 14.76 4.40 -11.73
CA GLU C 162 14.55 3.10 -12.36
C GLU C 162 13.72 2.20 -11.47
N HIS C 163 14.23 1.92 -10.28
CA HIS C 163 13.54 1.07 -9.32
C HIS C 163 13.23 1.85 -8.05
N THR C 164 12.96 3.15 -8.23
CA THR C 164 12.64 4.03 -7.11
C THR C 164 11.15 4.02 -6.85
N VAL C 165 10.75 4.47 -5.66
CA VAL C 165 9.35 4.52 -5.28
C VAL C 165 8.76 5.85 -5.74
N GLN C 166 7.54 5.81 -6.25
CA GLN C 166 6.87 7.03 -6.71
C GLN C 166 6.62 7.94 -5.50
N SER C 167 7.66 8.69 -5.13
CA SER C 167 7.61 9.58 -3.97
C SER C 167 6.64 10.75 -4.03
N ILE C 168 5.94 10.94 -5.15
CA ILE C 168 5.00 12.05 -5.23
C ILE C 168 4.00 11.94 -4.08
N VAL C 169 4.03 12.93 -3.19
CA VAL C 169 3.18 12.97 -2.01
C VAL C 169 1.69 12.75 -2.21
N CYS C 170 1.06 13.56 -3.06
CA CYS C 170 -0.37 13.47 -3.31
C CYS C 170 -0.92 12.04 -3.41
N ASN C 171 -0.08 11.09 -3.79
CA ASN C 171 -0.52 9.70 -3.92
C ASN C 171 0.09 8.79 -2.84
N ALA C 172 0.87 9.39 -1.95
CA ALA C 172 1.52 8.66 -0.86
C ALA C 172 2.30 7.43 -1.32
N GLY C 173 2.61 7.38 -2.61
CA GLY C 173 3.35 6.25 -3.14
C GLY C 173 2.57 4.95 -3.05
N MET C 174 1.25 5.05 -3.08
CA MET C 174 0.37 3.89 -3.01
C MET C 174 -0.76 3.97 -4.02
N GLY C 175 -0.82 5.08 -4.76
CA GLY C 175 -1.86 5.25 -5.74
C GLY C 175 -3.21 5.59 -5.12
N VAL C 176 -3.17 6.33 -4.01
CA VAL C 176 -4.37 6.73 -3.30
C VAL C 176 -4.32 8.20 -2.91
N GLY C 177 -5.36 8.68 -2.25
CA GLY C 177 -5.40 10.06 -1.83
C GLY C 177 -4.82 10.23 -0.44
N VAL C 178 -3.90 11.17 -0.27
CA VAL C 178 -3.27 11.41 1.02
C VAL C 178 -4.29 11.83 2.07
N GLY C 179 -5.33 12.54 1.64
CA GLY C 179 -6.36 12.99 2.56
C GLY C 179 -7.18 11.88 3.18
N ASN C 180 -6.99 10.65 2.68
CA ASN C 180 -7.73 9.51 3.20
C ASN C 180 -6.90 8.61 4.11
N LEU C 181 -5.64 9.00 4.34
CA LEU C 181 -4.77 8.20 5.20
C LEU C 181 -5.23 8.24 6.65
N THR C 182 -6.20 9.10 6.93
CA THR C 182 -6.74 9.23 8.28
C THR C 182 -7.50 7.98 8.72
N ILE C 183 -7.63 7.02 7.79
CA ILE C 183 -8.34 5.79 8.10
C ILE C 183 -7.42 4.80 8.81
N TYR C 184 -6.16 5.20 8.98
CA TYR C 184 -5.17 4.37 9.66
C TYR C 184 -4.87 5.01 11.01
N PRO C 185 -4.33 4.21 11.95
CA PRO C 185 -4.00 4.77 13.28
C PRO C 185 -3.13 6.00 13.06
N HIS C 186 -3.59 7.16 13.52
CA HIS C 186 -2.83 8.38 13.32
C HIS C 186 -3.11 9.48 14.33
N GLN C 187 -2.34 10.56 14.18
CA GLN C 187 -2.44 11.76 14.99
C GLN C 187 -1.78 12.87 14.19
N TRP C 188 -2.08 14.11 14.54
CA TRP C 188 -1.50 15.24 13.85
C TRP C 188 -0.61 15.98 14.82
N ILE C 189 0.31 16.79 14.30
CA ILE C 189 1.20 17.56 15.14
C ILE C 189 1.06 19.02 14.71
N ASN C 190 -0.03 19.63 15.16
CA ASN C 190 -0.32 21.03 14.84
C ASN C 190 0.46 21.87 15.85
N LEU C 191 1.63 22.33 15.41
CA LEU C 191 2.53 23.13 16.24
C LEU C 191 1.87 24.13 17.20
N ARG C 192 0.75 24.71 16.81
CA ARG C 192 0.08 25.69 17.66
C ARG C 192 -0.64 25.05 18.85
N THR C 193 -0.72 23.72 18.85
CA THR C 193 -1.38 23.01 19.94
C THR C 193 -0.59 21.79 20.38
N ASN C 194 0.10 21.16 19.43
CA ASN C 194 0.88 19.96 19.73
C ASN C 194 2.35 20.18 20.05
N ASN C 195 3.07 19.07 20.06
CA ASN C 195 4.50 19.05 20.36
C ASN C 195 5.01 17.65 20.05
N CYS C 196 4.09 16.72 19.87
CA CYS C 196 4.43 15.33 19.58
C CYS C 196 3.18 14.51 19.26
N ALA C 197 3.39 13.25 18.92
CA ALA C 197 2.30 12.34 18.60
C ALA C 197 2.67 10.91 18.98
N THR C 198 1.76 10.23 19.67
CA THR C 198 2.00 8.86 20.09
C THR C 198 0.93 7.92 19.55
N ILE C 199 1.36 6.75 19.08
CA ILE C 199 0.44 5.76 18.54
C ILE C 199 0.88 4.37 19.00
N VAL C 200 -0.02 3.67 19.67
CA VAL C 200 0.27 2.31 20.14
C VAL C 200 -0.30 1.33 19.13
N MET C 201 0.58 0.76 18.31
CA MET C 201 0.17 -0.20 17.29
C MET C 201 0.20 -1.65 17.76
N PRO C 202 -0.91 -2.36 17.61
CA PRO C 202 -0.97 -3.77 18.03
C PRO C 202 -0.49 -4.60 16.84
N TYR C 203 -0.03 -5.83 17.08
CA TYR C 203 0.43 -6.67 15.99
C TYR C 203 -0.70 -6.89 14.98
N VAL C 204 -0.53 -6.34 13.78
CA VAL C 204 -1.53 -6.48 12.73
C VAL C 204 -0.97 -7.25 11.55
N ASN C 205 -1.52 -8.43 11.30
CA ASN C 205 -1.07 -9.28 10.21
C ASN C 205 -2.05 -10.43 10.04
N SER C 206 -2.04 -11.06 8.86
CA SER C 206 -2.95 -12.18 8.60
C SER C 206 -2.35 -13.49 9.09
N VAL C 207 -1.30 -13.39 9.89
CA VAL C 207 -0.61 -14.57 10.42
C VAL C 207 -0.14 -14.29 11.85
N PRO C 208 -0.18 -15.32 12.72
CA PRO C 208 0.25 -15.18 14.12
C PRO C 208 1.63 -14.54 14.26
N MET C 209 2.54 -14.93 13.40
CA MET C 209 3.90 -14.40 13.41
C MET C 209 4.39 -14.30 11.96
N ASP C 210 5.61 -13.78 11.78
CA ASP C 210 6.16 -13.65 10.44
C ASP C 210 7.62 -13.21 10.53
N ASN C 211 8.34 -13.36 9.43
CA ASN C 211 9.75 -12.95 9.39
C ASN C 211 9.80 -11.44 9.49
N MET C 212 10.85 -10.91 10.11
CA MET C 212 10.97 -9.47 10.29
C MET C 212 11.88 -8.75 9.29
N PHE C 213 12.54 -9.52 8.43
CA PHE C 213 13.42 -8.95 7.42
C PHE C 213 12.71 -8.98 6.07
N ARG C 214 12.05 -10.09 5.80
CA ARG C 214 11.33 -10.29 4.54
C ARG C 214 10.01 -9.52 4.47
N HIS C 215 9.39 -9.29 5.63
CA HIS C 215 8.11 -8.60 5.67
C HIS C 215 8.13 -7.28 6.45
N TYR C 216 7.58 -6.23 5.83
CA TYR C 216 7.50 -4.92 6.46
C TYR C 216 6.07 -4.75 6.94
N ASN C 217 5.81 -5.18 8.16
CA ASN C 217 4.47 -5.12 8.73
C ASN C 217 3.72 -3.81 8.56
N PHE C 218 4.37 -2.68 8.82
CA PHE C 218 3.71 -1.40 8.67
C PHE C 218 4.69 -0.26 8.36
N THR C 219 4.18 0.80 7.75
CA THR C 219 4.99 1.94 7.38
C THR C 219 4.55 3.20 8.10
N LEU C 220 5.51 3.89 8.70
CA LEU C 220 5.22 5.13 9.42
C LEU C 220 5.46 6.31 8.47
N MET C 221 4.41 7.08 8.20
CA MET C 221 4.53 8.22 7.31
C MET C 221 4.24 9.52 8.03
N VAL C 222 5.10 10.51 7.82
CA VAL C 222 4.95 11.83 8.43
C VAL C 222 4.82 12.85 7.30
N ILE C 223 3.60 13.13 6.91
CA ILE C 223 3.32 14.07 5.82
C ILE C 223 2.72 15.39 6.31
N PRO C 224 3.39 16.51 6.02
CA PRO C 224 2.90 17.83 6.44
C PRO C 224 1.81 18.39 5.52
N PHE C 225 0.66 18.73 6.11
CA PHE C 225 -0.44 19.30 5.35
C PHE C 225 -0.43 20.81 5.46
N ALA C 226 0.25 21.31 6.48
CA ALA C 226 0.38 22.75 6.69
C ALA C 226 1.87 23.04 6.66
N PRO C 227 2.36 23.64 5.57
CA PRO C 227 3.78 23.98 5.39
C PRO C 227 4.38 24.72 6.57
N LEU C 228 5.59 24.30 6.96
CA LEU C 228 6.28 24.95 8.06
C LEU C 228 6.57 26.38 7.64
N ASP C 229 6.29 27.34 8.52
CA ASP C 229 6.55 28.73 8.20
C ASP C 229 6.85 29.54 9.45
N TYR C 230 7.47 30.70 9.24
CA TYR C 230 7.84 31.58 10.35
C TYR C 230 8.40 32.89 9.81
N ALA C 231 8.64 33.84 10.71
CA ALA C 231 9.17 35.14 10.34
C ALA C 231 10.69 35.15 10.43
N ALA C 232 11.29 36.31 10.18
CA ALA C 232 12.73 36.46 10.24
C ALA C 232 13.25 36.36 11.67
N GLN C 233 14.47 35.88 11.81
CA GLN C 233 15.11 35.72 13.11
C GLN C 233 14.48 34.62 13.96
N ALA C 234 13.54 33.88 13.37
CA ALA C 234 12.88 32.79 14.07
C ALA C 234 13.58 31.50 13.70
N SER C 235 14.02 30.74 14.71
CA SER C 235 14.72 29.48 14.49
C SER C 235 14.25 28.78 13.22
N GLU C 236 15.16 28.62 12.28
CA GLU C 236 14.85 27.99 11.00
C GLU C 236 15.03 26.48 11.05
N TYR C 237 15.70 26.00 12.09
CA TYR C 237 15.94 24.56 12.25
C TYR C 237 14.86 23.91 13.10
N VAL C 238 13.97 23.17 12.45
CA VAL C 238 12.90 22.47 13.14
C VAL C 238 12.98 20.99 12.82
N PRO C 239 13.68 20.22 13.67
CA PRO C 239 13.84 18.78 13.47
C PRO C 239 12.62 17.96 13.90
N VAL C 240 12.51 16.76 13.34
CA VAL C 240 11.41 15.86 13.65
C VAL C 240 12.03 14.51 14.00
N THR C 241 12.01 14.15 15.29
CA THR C 241 12.59 12.90 15.73
C THR C 241 11.54 11.81 15.95
N VAL C 242 11.88 10.59 15.56
CA VAL C 242 10.97 9.46 15.70
C VAL C 242 11.52 8.43 16.69
N THR C 243 10.71 8.09 17.68
CA THR C 243 11.10 7.10 18.68
C THR C 243 10.05 5.99 18.71
N ILE C 244 10.50 4.75 18.73
CA ILE C 244 9.58 3.61 18.74
C ILE C 244 10.06 2.52 19.70
N ALA C 245 9.12 1.91 20.41
CA ALA C 245 9.45 0.86 21.36
C ALA C 245 8.60 -0.39 21.16
N PRO C 246 9.23 -1.54 20.89
CA PRO C 246 8.53 -2.80 20.68
C PRO C 246 7.75 -3.20 21.93
N MET C 247 6.64 -3.92 21.74
CA MET C 247 5.83 -4.37 22.86
C MET C 247 5.44 -5.82 22.71
N CYS C 248 5.59 -6.60 23.79
CA CYS C 248 5.25 -8.02 23.76
C CYS C 248 6.01 -8.72 22.65
N ALA C 249 7.32 -8.48 22.59
CA ALA C 249 8.16 -9.08 21.57
C ALA C 249 8.39 -10.57 21.80
N GLU C 250 7.97 -11.38 20.83
CA GLU C 250 8.13 -12.83 20.90
C GLU C 250 8.95 -13.29 19.70
N TYR C 251 9.73 -14.35 19.89
CA TYR C 251 10.56 -14.87 18.81
C TYR C 251 10.54 -16.39 18.76
N ASN C 252 10.59 -16.94 17.55
CA ASN C 252 10.59 -18.38 17.35
C ASN C 252 11.56 -18.75 16.22
N GLY C 253 11.96 -20.02 16.21
CA GLY C 253 12.87 -20.49 15.18
C GLY C 253 14.27 -19.93 15.35
N LEU C 254 14.96 -20.36 16.41
CA LEU C 254 16.32 -19.91 16.67
C LEU C 254 17.30 -20.67 15.80
N ARG C 255 18.19 -19.93 15.15
CA ARG C 255 19.19 -20.52 14.27
C ARG C 255 20.36 -19.55 14.07
N LEU C 256 21.28 -19.89 13.18
CA LEU C 256 22.43 -19.04 12.91
C LEU C 256 22.00 -17.67 12.40
N ALA C 257 22.60 -16.62 12.96
CA ALA C 257 22.26 -15.26 12.57
C ALA C 257 22.25 -15.07 11.05
N TYR C 258 21.34 -14.23 10.58
CA TYR C 258 21.20 -13.95 9.16
C TYR C 258 22.17 -12.86 8.72
N GLN C 259 22.95 -13.16 7.68
CA GLN C 259 23.93 -12.19 7.15
C GLN C 259 23.23 -11.15 6.27
N GLN C 260 23.17 -9.93 6.77
CA GLN C 260 22.53 -8.83 6.04
C GLN C 260 23.23 -8.56 4.71
N MET D 1 -37.98 -31.51 9.25
CA MET D 1 -36.52 -31.36 8.97
C MET D 1 -35.88 -30.38 9.95
N GLY D 2 -34.66 -29.95 9.64
CA GLY D 2 -33.97 -29.00 10.51
C GLY D 2 -34.31 -27.59 10.10
N ALA D 3 -35.56 -27.37 9.70
CA ALA D 3 -36.02 -26.06 9.27
C ALA D 3 -35.74 -24.97 10.30
N GLN D 4 -35.45 -23.77 9.80
CA GLN D 4 -35.16 -22.63 10.67
C GLN D 4 -35.81 -21.36 10.10
N VAL D 5 -36.90 -20.95 10.76
CA VAL D 5 -37.64 -19.76 10.34
C VAL D 5 -37.04 -18.45 10.84
N SER D 6 -36.81 -17.52 9.92
CA SER D 6 -36.24 -16.23 10.26
C SER D 6 -37.18 -15.11 9.80
N THR D 7 -36.77 -13.86 10.05
CA THR D 7 -37.58 -12.71 9.68
C THR D 7 -37.12 -12.11 8.36
N GLN D 8 -38.08 -11.77 7.50
CA GLN D 8 -37.76 -11.17 6.21
C GLN D 8 -37.55 -9.67 6.35
N LYS D 9 -36.96 -9.06 5.33
CA LYS D 9 -36.71 -7.63 5.33
C LYS D 9 -38.02 -6.91 5.00
N THR D 10 -38.29 -5.82 5.70
CA THR D 10 -39.51 -5.04 5.50
C THR D 10 -39.90 -4.91 4.03
N GLY D 11 -41.21 -4.99 3.76
CA GLY D 11 -41.69 -4.88 2.39
C GLY D 11 -42.25 -3.51 2.09
N ALA D 12 -42.79 -3.34 0.88
CA ALA D 12 -43.36 -2.06 0.47
C ALA D 12 -44.83 -1.96 0.85
N HIS D 13 -45.23 -2.72 1.86
CA HIS D 13 -46.61 -2.71 2.32
C HIS D 13 -46.63 -2.97 3.83
N GLU D 14 -45.86 -2.18 4.57
CA GLU D 14 -45.77 -2.33 6.02
C GLU D 14 -46.19 -1.05 6.73
N THR D 15 -46.33 -1.13 8.06
CA THR D 15 -46.73 0.02 8.86
C THR D 15 -47.96 0.72 8.29
N ILE D 24 -46.88 -12.67 8.71
CA ILE D 24 -46.44 -13.64 7.71
C ILE D 24 -45.14 -13.18 7.05
N ILE D 25 -44.49 -12.18 7.64
CA ILE D 25 -43.25 -11.65 7.10
C ILE D 25 -42.04 -12.42 7.64
N HIS D 26 -41.99 -13.71 7.32
CA HIS D 26 -40.89 -14.57 7.74
C HIS D 26 -40.69 -15.66 6.70
N TYR D 27 -39.48 -16.17 6.60
CA TYR D 27 -39.18 -17.22 5.62
C TYR D 27 -38.58 -18.43 6.31
N THR D 28 -38.58 -19.56 5.62
CA THR D 28 -38.04 -20.80 6.16
C THR D 28 -36.77 -21.19 5.41
N ASN D 29 -35.84 -21.83 6.11
CA ASN D 29 -34.59 -22.24 5.49
C ASN D 29 -34.10 -23.59 6.01
N ILE D 30 -33.52 -24.38 5.12
CA ILE D 30 -32.99 -25.68 5.47
C ILE D 30 -31.73 -25.91 4.64
N ASN D 31 -30.64 -26.30 5.31
CA ASN D 31 -29.39 -26.56 4.61
C ASN D 31 -29.40 -27.99 4.09
N TYR D 32 -29.09 -28.17 2.82
CA TYR D 32 -29.09 -29.49 2.20
C TYR D 32 -27.70 -30.09 2.08
N TYR D 33 -26.68 -29.23 2.08
CA TYR D 33 -25.30 -29.67 1.93
C TYR D 33 -24.55 -29.85 3.24
N LYS D 34 -23.55 -30.72 3.23
CA LYS D 34 -22.75 -31.04 4.40
C LYS D 34 -21.70 -30.00 4.78
N ASP D 35 -21.31 -29.16 3.82
CA ASP D 35 -20.31 -28.13 4.09
C ASP D 35 -20.93 -26.76 4.30
N ALA D 36 -20.50 -26.07 5.36
CA ALA D 36 -21.02 -24.76 5.69
C ALA D 36 -20.77 -23.76 4.57
N ALA D 37 -19.78 -24.05 3.74
CA ALA D 37 -19.43 -23.16 2.63
C ALA D 37 -20.52 -23.17 1.56
N SER D 38 -21.40 -24.16 1.63
CA SER D 38 -22.49 -24.29 0.68
C SER D 38 -23.69 -23.41 1.01
N ASN D 39 -23.79 -23.02 2.28
CA ASN D 39 -24.90 -22.19 2.73
C ASN D 39 -24.91 -20.83 2.06
N SER D 40 -26.07 -20.16 2.11
CA SER D 40 -26.22 -18.84 1.51
C SER D 40 -25.55 -17.77 2.36
N ALA D 41 -25.34 -16.59 1.76
CA ALA D 41 -24.70 -15.48 2.46
C ALA D 41 -25.42 -15.09 3.74
N ASN D 42 -24.70 -14.40 4.62
CA ASN D 42 -25.25 -13.95 5.90
C ASN D 42 -25.62 -12.48 5.77
N ARG D 43 -26.63 -12.20 4.94
CA ARG D 43 -27.09 -10.84 4.69
C ARG D 43 -27.82 -10.20 5.87
N GLN D 44 -27.92 -10.92 6.98
CA GLN D 44 -28.63 -10.39 8.14
C GLN D 44 -27.81 -10.25 9.42
N ASP D 45 -26.52 -9.97 9.26
CA ASP D 45 -25.63 -9.78 10.41
C ASP D 45 -25.41 -8.27 10.53
N PHE D 46 -26.10 -7.64 11.46
CA PHE D 46 -25.99 -6.19 11.64
C PHE D 46 -25.23 -5.76 12.89
N THR D 47 -23.92 -6.01 12.90
CA THR D 47 -23.09 -5.63 14.04
C THR D 47 -22.33 -4.34 13.70
N GLN D 48 -22.05 -3.54 14.71
CA GLN D 48 -21.32 -2.29 14.49
C GLN D 48 -20.46 -1.88 15.68
N ASP D 49 -19.37 -1.18 15.39
CA ASP D 49 -18.45 -0.71 16.41
C ASP D 49 -17.43 0.25 15.78
N PRO D 50 -17.91 1.42 15.33
CA PRO D 50 -17.06 2.45 14.70
C PRO D 50 -15.92 2.93 15.60
N GLY D 51 -16.07 2.72 16.91
CA GLY D 51 -15.05 3.15 17.85
C GLY D 51 -13.63 2.85 17.43
N LYS D 52 -13.43 1.69 16.81
CA LYS D 52 -12.10 1.28 16.37
C LYS D 52 -11.43 2.34 15.49
N PHE D 53 -12.21 2.95 14.62
CA PHE D 53 -11.69 3.94 13.70
C PHE D 53 -12.00 5.41 14.02
N THR D 54 -13.14 5.66 14.66
CA THR D 54 -13.53 7.02 14.99
C THR D 54 -13.03 7.50 16.34
N GLU D 55 -12.90 6.59 17.31
CA GLU D 55 -12.44 6.98 18.63
C GLU D 55 -11.38 6.04 19.21
N PRO D 56 -10.30 5.77 18.47
CA PRO D 56 -9.24 4.88 18.95
C PRO D 56 -8.29 5.54 19.94
N VAL D 57 -8.83 6.41 20.80
CA VAL D 57 -8.02 7.09 21.80
C VAL D 57 -7.93 6.32 23.11
N LYS D 58 -6.83 6.52 23.83
CA LYS D 58 -6.61 5.84 25.10
C LYS D 58 -7.43 6.45 26.23
N ASP D 59 -7.66 7.75 26.15
CA ASP D 59 -8.44 8.45 27.16
C ASP D 59 -9.79 8.87 26.59
N ILE D 60 -10.86 8.33 27.15
CA ILE D 60 -12.21 8.64 26.71
C ILE D 60 -12.41 10.16 26.62
N MET D 61 -12.92 10.61 25.48
CA MET D 61 -13.17 12.02 25.25
C MET D 61 -14.67 12.32 25.26
N ILE D 62 -15.10 13.15 26.20
CA ILE D 62 -16.50 13.52 26.31
C ILE D 62 -16.83 14.66 25.35
N LYS D 63 -17.75 14.39 24.42
CA LYS D 63 -18.17 15.36 23.42
C LYS D 63 -18.32 16.79 23.93
N THR D 64 -19.16 16.96 24.94
CA THR D 64 -19.43 18.27 25.52
C THR D 64 -18.26 18.92 26.26
N MET D 65 -17.06 18.35 26.10
CA MET D 65 -15.89 18.90 26.77
C MET D 65 -14.75 19.21 25.81
N PRO D 66 -13.73 19.95 26.29
CA PRO D 66 -12.59 20.31 25.46
C PRO D 66 -11.70 19.11 25.19
N ALA D 67 -11.26 18.95 23.94
CA ALA D 67 -10.40 17.84 23.57
C ALA D 67 -9.11 17.89 24.37
N LEU D 68 -8.61 19.10 24.59
CA LEU D 68 -7.37 19.29 25.33
C LEU D 68 -7.57 20.29 26.46
N ASN D 69 -6.96 20.02 27.61
CA ASN D 69 -7.08 20.90 28.76
C ASN D 69 -6.04 20.56 29.81
N GLN E 34 73.43 -51.89 -24.79
CA GLN E 34 73.72 -50.82 -23.85
C GLN E 34 72.58 -49.81 -23.80
N ASP E 35 71.36 -50.27 -24.05
CA ASP E 35 70.19 -49.41 -24.05
C ASP E 35 69.17 -49.91 -23.04
N CYS E 36 68.65 -49.01 -22.21
CA CYS E 36 67.68 -49.40 -21.21
C CYS E 36 66.31 -49.63 -21.81
N GLY E 37 65.57 -50.57 -21.23
CA GLY E 37 64.21 -50.85 -21.65
C GLY E 37 63.26 -49.84 -21.00
N LEU E 38 62.03 -50.26 -20.77
CA LEU E 38 61.03 -49.39 -20.17
C LEU E 38 61.33 -49.20 -18.68
N PRO E 39 61.26 -47.94 -18.23
CA PRO E 39 61.49 -47.63 -16.83
C PRO E 39 60.68 -48.54 -15.94
N PRO E 40 61.08 -48.64 -14.68
CA PRO E 40 60.38 -49.50 -13.73
C PRO E 40 58.96 -49.01 -13.48
N ASP E 41 58.19 -49.80 -12.75
CA ASP E 41 56.82 -49.43 -12.45
C ASP E 41 56.72 -48.74 -11.08
N VAL E 42 56.28 -47.48 -11.10
CA VAL E 42 56.13 -46.71 -9.87
C VAL E 42 54.65 -46.43 -9.59
N PRO E 43 54.19 -46.88 -8.43
CA PRO E 43 52.79 -46.72 -8.03
C PRO E 43 52.32 -45.28 -8.03
N ASN E 44 51.21 -45.02 -8.73
CA ASN E 44 50.61 -43.69 -8.79
C ASN E 44 51.41 -42.72 -9.64
N ALA E 45 52.34 -43.24 -10.43
CA ALA E 45 53.16 -42.41 -11.30
C ALA E 45 53.34 -43.04 -12.68
N GLN E 46 53.39 -42.18 -13.71
CA GLN E 46 53.57 -42.64 -15.08
C GLN E 46 54.75 -41.92 -15.74
N PRO E 47 55.78 -42.68 -16.09
CA PRO E 47 56.98 -42.12 -16.72
C PRO E 47 56.70 -41.50 -18.07
N ALA E 48 57.24 -40.31 -18.29
CA ALA E 48 57.09 -39.60 -19.54
C ALA E 48 58.06 -40.16 -20.59
N LEU E 49 57.61 -41.15 -21.33
CA LEU E 49 58.42 -41.78 -22.37
C LEU E 49 58.48 -40.92 -23.64
N GLU E 50 57.31 -40.58 -24.16
CA GLU E 50 57.16 -39.66 -25.31
C GLU E 50 58.06 -39.84 -26.53
N GLY E 51 57.83 -40.92 -27.28
CA GLY E 51 57.00 -42.03 -26.88
C GLY E 51 57.89 -43.22 -27.20
N ARG E 52 59.14 -43.10 -26.78
CA ARG E 52 60.18 -44.05 -27.10
C ARG E 52 60.01 -45.45 -26.56
N THR E 53 61.03 -46.27 -26.82
CA THR E 53 61.05 -47.66 -26.42
C THR E 53 62.45 -47.99 -25.92
N SER E 54 63.45 -47.46 -26.61
CA SER E 54 64.83 -47.66 -26.23
C SER E 54 65.41 -46.34 -25.73
N PHE E 55 66.02 -46.38 -24.55
CA PHE E 55 66.60 -45.19 -23.96
C PHE E 55 68.10 -45.31 -23.79
N PRO E 56 68.84 -44.51 -24.57
CA PRO E 56 70.30 -44.51 -24.50
C PRO E 56 70.78 -44.15 -23.11
N GLU E 57 71.96 -44.66 -22.77
CA GLU E 57 72.59 -44.40 -21.48
C GLU E 57 72.51 -42.91 -21.15
N ASP E 58 72.37 -42.58 -19.87
CA ASP E 58 72.28 -41.20 -19.43
C ASP E 58 70.90 -40.61 -19.67
N THR E 59 70.00 -41.40 -20.21
CA THR E 59 68.66 -40.94 -20.48
C THR E 59 67.89 -40.80 -19.17
N VAL E 60 67.47 -39.58 -18.88
CA VAL E 60 66.76 -39.29 -17.64
C VAL E 60 65.27 -39.21 -17.85
N ILE E 61 64.55 -40.17 -17.25
CA ILE E 61 63.11 -40.20 -17.37
C ILE E 61 62.43 -39.68 -16.10
N THR E 62 61.52 -38.73 -16.28
CA THR E 62 60.80 -38.15 -15.17
C THR E 62 59.42 -38.80 -15.07
N TYR E 63 59.03 -39.17 -13.85
CA TYR E 63 57.72 -39.76 -13.60
C TYR E 63 56.73 -38.68 -13.21
N LYS E 64 55.48 -38.80 -13.68
CA LYS E 64 54.44 -37.86 -13.31
C LYS E 64 53.39 -38.56 -12.46
N CYS E 65 53.01 -37.95 -11.33
CA CYS E 65 52.00 -38.54 -10.46
C CYS E 65 50.65 -38.57 -11.15
N GLU E 66 49.86 -39.61 -10.84
CA GLU E 66 48.53 -39.78 -11.41
C GLU E 66 47.52 -38.86 -10.72
N GLU E 67 46.40 -38.62 -11.39
CA GLU E 67 45.33 -37.78 -10.88
C GLU E 67 45.07 -38.03 -9.39
N SER E 68 44.84 -36.96 -8.64
CA SER E 68 44.59 -37.06 -7.21
C SER E 68 45.88 -37.34 -6.45
N PHE E 69 47.01 -37.13 -7.12
CA PHE E 69 48.32 -37.35 -6.53
C PHE E 69 49.25 -36.20 -6.88
N VAL E 70 50.07 -35.80 -5.92
CA VAL E 70 51.06 -34.75 -6.14
C VAL E 70 52.40 -35.20 -5.58
N LYS E 71 53.47 -34.85 -6.28
CA LYS E 71 54.82 -35.26 -5.88
C LYS E 71 55.19 -34.70 -4.51
N ILE E 72 55.68 -35.57 -3.63
CA ILE E 72 56.10 -35.16 -2.30
C ILE E 72 57.41 -34.39 -2.43
N PRO E 73 57.37 -33.12 -2.03
CA PRO E 73 58.51 -32.24 -2.20
C PRO E 73 59.82 -32.85 -1.73
N GLY E 74 60.86 -32.69 -2.55
CA GLY E 74 62.20 -33.14 -2.20
C GLY E 74 62.48 -34.61 -2.44
N GLU E 75 61.49 -35.34 -2.95
CA GLU E 75 61.68 -36.76 -3.21
C GLU E 75 62.05 -37.03 -4.65
N LYS E 76 62.80 -38.10 -4.87
CA LYS E 76 63.24 -38.50 -6.20
C LYS E 76 62.02 -38.85 -7.05
N ASP E 77 61.88 -38.16 -8.18
CA ASP E 77 60.77 -38.37 -9.08
C ASP E 77 61.27 -38.80 -10.47
N SER E 78 62.54 -39.16 -10.56
CA SER E 78 63.12 -39.54 -11.83
C SER E 78 64.17 -40.64 -11.75
N VAL E 79 64.46 -41.25 -12.89
CA VAL E 79 65.46 -42.29 -12.98
C VAL E 79 66.41 -41.96 -14.12
N ILE E 80 67.45 -42.76 -14.26
CA ILE E 80 68.42 -42.55 -15.32
C ILE E 80 69.01 -43.86 -15.76
N CYS E 81 69.19 -43.99 -17.06
CA CYS E 81 69.76 -45.21 -17.64
C CYS E 81 71.24 -45.27 -17.30
N LEU E 82 71.60 -46.23 -16.45
CA LEU E 82 72.98 -46.39 -16.01
C LEU E 82 73.70 -47.42 -16.86
N LYS E 83 74.97 -47.63 -16.58
CA LYS E 83 75.75 -48.62 -17.30
C LYS E 83 75.22 -50.02 -16.97
N GLY E 84 75.07 -50.85 -17.99
CA GLY E 84 74.55 -52.20 -17.79
C GLY E 84 73.06 -52.23 -18.04
N SER E 85 72.57 -51.27 -18.82
CA SER E 85 71.15 -51.17 -19.13
C SER E 85 70.36 -51.30 -17.85
N GLN E 86 70.78 -50.52 -16.85
CA GLN E 86 70.15 -50.54 -15.54
C GLN E 86 69.63 -49.16 -15.22
N TRP E 87 68.35 -49.06 -14.89
CA TRP E 87 67.76 -47.79 -14.50
C TRP E 87 68.13 -47.52 -13.04
N SER E 88 68.38 -46.25 -12.72
CA SER E 88 68.63 -45.87 -11.33
C SER E 88 67.47 -46.37 -10.46
N ASP E 89 67.63 -46.25 -9.16
CA ASP E 89 66.57 -46.65 -8.24
C ASP E 89 65.57 -45.52 -8.01
N ILE E 90 64.33 -45.89 -7.77
CA ILE E 90 63.27 -44.92 -7.50
C ILE E 90 62.15 -45.60 -6.74
N GLU E 91 61.51 -44.84 -5.85
CA GLU E 91 60.40 -45.38 -5.08
C GLU E 91 59.27 -44.38 -5.01
N GLU E 92 58.16 -44.80 -4.42
CA GLU E 92 56.96 -43.96 -4.32
C GLU E 92 57.28 -42.55 -3.82
N PHE E 93 56.88 -41.56 -4.61
CA PHE E 93 57.13 -40.16 -4.27
C PHE E 93 55.84 -39.36 -4.35
N CYS E 94 54.73 -40.05 -4.60
CA CYS E 94 53.45 -39.38 -4.73
C CYS E 94 52.53 -39.59 -3.55
N ASN E 95 52.05 -38.58 -2.81
CA ASN E 95 51.03 -38.65 -1.78
C ASN E 95 49.69 -38.10 -2.25
N ARG E 96 48.60 -38.62 -1.69
CA ARG E 96 47.26 -38.12 -2.03
C ARG E 96 47.17 -36.67 -1.60
N SER E 97 46.53 -35.85 -2.42
CA SER E 97 46.41 -34.43 -2.13
C SER E 97 45.17 -33.80 -2.76
N CYS E 98 44.71 -32.69 -2.17
CA CYS E 98 43.56 -31.95 -2.68
C CYS E 98 43.96 -31.22 -3.94
N GLU E 99 42.98 -30.90 -4.76
CA GLU E 99 43.23 -30.09 -5.94
C GLU E 99 43.62 -28.70 -5.44
N VAL E 100 44.14 -27.86 -6.34
CA VAL E 100 44.50 -26.52 -5.94
C VAL E 100 43.25 -25.88 -5.33
N PRO E 101 43.44 -25.18 -4.22
CA PRO E 101 42.31 -24.59 -3.51
C PRO E 101 41.31 -23.96 -4.45
N THR E 102 40.07 -23.87 -3.98
CA THR E 102 38.96 -23.34 -4.76
C THR E 102 39.05 -21.82 -4.97
N ARG E 103 38.92 -21.38 -6.21
CA ARG E 103 38.94 -19.95 -6.49
C ARG E 103 37.63 -19.29 -6.04
N LEU E 104 37.77 -18.26 -5.21
CA LEU E 104 36.60 -17.55 -4.70
C LEU E 104 36.63 -16.10 -5.15
N ASN E 105 35.45 -15.50 -5.24
CA ASN E 105 35.34 -14.10 -5.64
C ASN E 105 35.71 -13.17 -4.48
N SER E 106 35.34 -13.57 -3.27
CA SER E 106 35.51 -12.76 -2.08
C SER E 106 36.92 -12.74 -1.51
N ALA E 107 37.63 -13.84 -1.66
CA ALA E 107 38.94 -13.97 -1.05
C ALA E 107 39.97 -14.58 -1.97
N SER E 108 41.22 -14.19 -1.75
CA SER E 108 42.35 -14.71 -2.51
C SER E 108 43.28 -15.45 -1.55
N LEU E 109 44.01 -16.42 -2.07
CA LEU E 109 44.92 -17.21 -1.26
C LEU E 109 46.08 -16.36 -0.75
N LYS E 110 46.58 -16.71 0.42
CA LYS E 110 47.74 -16.03 1.02
C LYS E 110 48.96 -16.92 0.80
N GLN E 111 50.15 -16.32 0.82
CA GLN E 111 51.38 -17.10 0.66
C GLN E 111 51.61 -18.00 1.87
N PRO E 112 52.20 -19.16 1.66
CA PRO E 112 52.73 -19.54 0.36
C PRO E 112 51.72 -20.32 -0.47
N TYR E 113 50.60 -20.66 0.14
CA TYR E 113 49.53 -21.43 -0.52
C TYR E 113 49.31 -20.98 -1.96
N ILE E 114 49.53 -19.69 -2.19
CA ILE E 114 49.32 -19.09 -3.50
C ILE E 114 50.10 -19.76 -4.64
N THR E 115 51.15 -20.50 -4.31
CA THR E 115 51.96 -21.17 -5.33
C THR E 115 52.18 -22.66 -5.03
N GLN E 116 51.52 -23.15 -3.99
CA GLN E 116 51.64 -24.54 -3.59
C GLN E 116 50.76 -25.45 -4.44
N ASN E 117 51.14 -26.72 -4.54
CA ASN E 117 50.37 -27.70 -5.27
C ASN E 117 50.25 -29.00 -4.46
N TYR E 118 51.07 -29.09 -3.42
CA TYR E 118 51.08 -30.27 -2.56
C TYR E 118 50.24 -30.06 -1.32
N PHE E 119 49.01 -30.57 -1.36
CA PHE E 119 48.07 -30.42 -0.25
C PHE E 119 47.61 -31.77 0.31
N PRO E 120 48.50 -32.41 1.07
CA PRO E 120 48.19 -33.70 1.67
C PRO E 120 47.03 -33.52 2.65
N VAL E 121 46.28 -34.60 2.87
CA VAL E 121 45.14 -34.55 3.76
C VAL E 121 45.58 -33.95 5.10
N GLY E 122 44.87 -32.91 5.53
CA GLY E 122 45.20 -32.23 6.78
C GLY E 122 45.74 -30.84 6.51
N THR E 123 46.12 -30.57 5.26
CA THR E 123 46.62 -29.27 4.87
C THR E 123 45.55 -28.21 5.06
N VAL E 124 45.95 -27.11 5.70
CA VAL E 124 45.03 -26.00 5.95
C VAL E 124 45.57 -24.73 5.32
N VAL E 125 44.78 -24.13 4.43
CA VAL E 125 45.17 -22.92 3.74
C VAL E 125 44.40 -21.71 4.26
N GLU E 126 44.98 -20.52 4.08
CA GLU E 126 44.34 -19.29 4.54
C GLU E 126 44.14 -18.29 3.40
N TYR E 127 42.97 -17.64 3.41
CA TYR E 127 42.65 -16.66 2.40
C TYR E 127 42.71 -15.26 2.98
N GLU E 128 42.80 -14.29 2.08
CA GLU E 128 42.79 -12.88 2.44
C GLU E 128 41.74 -12.20 1.57
N CYS E 129 40.87 -11.41 2.19
CA CYS E 129 39.80 -10.74 1.46
C CYS E 129 40.33 -10.03 0.22
N ARG E 130 39.59 -10.15 -0.88
CA ARG E 130 39.93 -9.46 -2.12
C ARG E 130 39.50 -8.01 -1.99
N PRO E 131 39.52 -7.30 -3.10
CA PRO E 131 39.01 -5.92 -3.15
C PRO E 131 37.78 -5.90 -4.03
N GLY E 132 36.67 -5.38 -3.50
CA GLY E 132 36.63 -4.83 -2.16
C GLY E 132 35.72 -5.66 -1.27
N TYR E 133 36.32 -6.52 -0.47
CA TYR E 133 35.59 -7.37 0.46
C TYR E 133 36.16 -7.13 1.84
N ARG E 134 35.42 -7.54 2.86
CA ARG E 134 35.86 -7.35 4.23
C ARG E 134 35.68 -8.61 5.06
N ARG E 135 36.61 -8.86 5.97
CA ARG E 135 36.58 -10.07 6.78
C ARG E 135 35.38 -10.14 7.72
N GLU E 136 34.82 -11.35 7.85
CA GLU E 136 33.73 -11.61 8.78
C GLU E 136 34.33 -12.25 10.04
N PRO E 137 34.43 -11.45 11.09
CA PRO E 137 35.05 -11.87 12.34
C PRO E 137 34.57 -13.20 12.90
N SER E 138 33.34 -13.57 12.59
CA SER E 138 32.75 -14.78 13.12
C SER E 138 33.18 -16.07 12.38
N LEU E 139 33.97 -15.93 11.33
CA LEU E 139 34.33 -17.08 10.53
C LEU E 139 35.80 -17.20 10.15
N SER E 140 36.24 -18.44 9.93
CA SER E 140 37.62 -18.75 9.57
C SER E 140 37.87 -18.55 8.09
N PRO E 141 38.93 -17.82 7.77
CA PRO E 141 39.31 -17.61 6.38
C PRO E 141 40.22 -18.77 5.95
N LYS E 142 40.04 -19.92 6.60
CA LYS E 142 40.88 -21.07 6.34
C LYS E 142 40.10 -22.26 5.82
N LEU E 143 40.79 -23.10 5.04
CA LEU E 143 40.17 -24.29 4.48
C LEU E 143 41.02 -25.51 4.80
N THR E 144 40.35 -26.65 4.98
CA THR E 144 41.07 -27.86 5.33
C THR E 144 40.88 -28.91 4.26
N CYS E 145 41.95 -29.65 3.99
CA CYS E 145 41.90 -30.71 2.99
C CYS E 145 41.40 -31.99 3.62
N LEU E 146 40.14 -32.32 3.35
CA LEU E 146 39.53 -33.50 3.96
C LEU E 146 40.12 -34.80 3.44
N GLN E 147 39.74 -35.91 4.05
CA GLN E 147 40.24 -37.22 3.67
C GLN E 147 39.83 -37.56 2.26
N ASN E 148 38.67 -37.04 1.84
CA ASN E 148 38.14 -37.29 0.52
C ASN E 148 38.77 -36.41 -0.56
N LEU E 149 39.90 -35.78 -0.22
CA LEU E 149 40.61 -34.91 -1.15
C LEU E 149 39.72 -33.74 -1.59
N LYS E 150 38.77 -33.40 -0.73
CA LYS E 150 37.90 -32.26 -0.99
C LYS E 150 38.22 -31.19 0.04
N TRP E 151 38.24 -29.93 -0.39
CA TRP E 151 38.47 -28.81 0.53
C TRP E 151 37.20 -28.59 1.32
N SER E 152 37.34 -28.27 2.60
CA SER E 152 36.18 -28.05 3.46
C SER E 152 35.28 -26.93 2.92
N THR E 153 33.98 -27.05 3.17
CA THR E 153 33.01 -26.08 2.71
C THR E 153 33.38 -24.68 3.18
N ALA E 154 33.44 -23.74 2.24
CA ALA E 154 33.79 -22.37 2.59
C ALA E 154 32.58 -21.55 3.06
N VAL E 155 32.81 -20.71 4.06
CA VAL E 155 31.77 -19.85 4.57
C VAL E 155 31.95 -18.44 3.99
N GLU E 156 31.22 -17.48 4.54
CA GLU E 156 31.29 -16.10 4.07
C GLU E 156 32.26 -15.31 4.93
N PHE E 157 33.47 -15.85 5.09
CA PHE E 157 34.46 -15.18 5.92
C PHE E 157 34.85 -13.83 5.36
N CYS E 158 34.61 -13.63 4.07
CA CYS E 158 34.87 -12.35 3.41
C CYS E 158 33.61 -11.88 2.69
N LYS E 159 33.02 -10.80 3.19
CA LYS E 159 31.79 -10.27 2.61
C LYS E 159 32.03 -8.98 1.81
N LYS E 160 31.04 -8.59 1.01
CA LYS E 160 31.13 -7.39 0.20
C LYS E 160 31.13 -6.14 1.07
N LYS E 161 32.06 -5.23 0.78
CA LYS E 161 32.11 -3.96 1.51
C LYS E 161 30.90 -3.14 1.10
N SER E 162 30.22 -2.55 2.08
CA SER E 162 29.05 -1.73 1.78
C SER E 162 29.45 -0.33 1.36
N CYS E 163 28.74 0.20 0.37
CA CYS E 163 28.99 1.55 -0.12
C CYS E 163 28.34 2.55 0.81
N PRO E 164 28.76 3.80 0.72
CA PRO E 164 28.18 4.84 1.55
C PRO E 164 26.69 4.98 1.24
N ASN E 165 25.91 5.48 2.20
CA ASN E 165 24.50 5.75 1.98
C ASN E 165 24.40 6.78 0.86
N PRO E 166 23.71 6.40 -0.22
CA PRO E 166 23.58 7.26 -1.40
C PRO E 166 23.25 8.71 -1.05
N GLY E 167 22.55 8.92 0.07
CA GLY E 167 22.20 10.26 0.51
C GLY E 167 20.76 10.64 0.13
N GLU E 168 20.58 11.87 -0.31
CA GLU E 168 19.27 12.37 -0.67
C GLU E 168 19.38 13.34 -1.83
N ILE E 169 18.36 13.34 -2.70
CA ILE E 169 18.29 14.27 -3.81
C ILE E 169 17.10 15.21 -3.61
N ARG E 170 17.39 16.50 -3.45
CA ARG E 170 16.34 17.48 -3.25
C ARG E 170 15.39 17.43 -4.44
N ASN E 171 14.12 17.13 -4.15
CA ASN E 171 13.11 17.04 -5.18
C ASN E 171 13.45 15.93 -6.17
N GLY E 172 14.06 14.87 -5.66
CA GLY E 172 14.42 13.73 -6.48
C GLY E 172 14.21 12.42 -5.72
N GLN E 173 14.56 11.31 -6.37
CA GLN E 173 14.45 10.00 -5.74
C GLN E 173 15.59 9.09 -6.12
N ILE E 174 16.02 8.28 -5.16
CA ILE E 174 17.08 7.30 -5.40
C ILE E 174 16.48 5.92 -5.37
N ASP E 175 16.61 5.20 -6.48
CA ASP E 175 16.10 3.84 -6.60
C ASP E 175 17.20 2.84 -6.23
N VAL E 176 16.93 2.05 -5.19
CA VAL E 176 17.86 1.03 -4.73
C VAL E 176 17.27 -0.35 -5.01
N PRO E 177 17.56 -0.88 -6.19
CA PRO E 177 17.01 -2.16 -6.62
C PRO E 177 17.66 -3.35 -5.91
N GLY E 178 18.96 -3.25 -5.63
CA GLY E 178 19.67 -4.34 -4.99
C GLY E 178 20.71 -3.87 -3.98
N GLY E 179 20.25 -3.23 -2.91
CA GLY E 179 21.15 -2.78 -1.85
C GLY E 179 22.18 -1.76 -2.33
N ILE E 180 23.21 -1.53 -1.50
CA ILE E 180 24.26 -0.56 -1.81
C ILE E 180 25.67 -1.12 -1.63
N LEU E 181 25.79 -2.44 -1.47
CA LEU E 181 27.10 -3.07 -1.32
C LEU E 181 27.87 -3.03 -2.63
N PHE E 182 29.16 -3.37 -2.55
CA PHE E 182 30.05 -3.41 -3.70
C PHE E 182 29.41 -4.13 -4.89
N GLY E 183 29.41 -3.48 -6.04
CA GLY E 183 28.82 -4.05 -7.26
C GLY E 183 27.37 -3.63 -7.46
N ALA E 184 26.79 -2.96 -6.46
CA ALA E 184 25.39 -2.53 -6.55
C ALA E 184 25.22 -1.32 -7.45
N THR E 185 24.01 -1.15 -7.96
CA THR E 185 23.71 0.00 -8.81
C THR E 185 22.49 0.75 -8.27
N ILE E 186 22.47 2.06 -8.49
CA ILE E 186 21.35 2.89 -8.06
C ILE E 186 21.00 3.89 -9.15
N SER E 187 19.71 4.10 -9.36
CA SER E 187 19.26 5.04 -10.37
C SER E 187 18.64 6.26 -9.72
N PHE E 188 18.60 7.34 -10.48
CA PHE E 188 18.07 8.60 -10.00
C PHE E 188 16.91 9.07 -10.87
N SER E 189 16.04 9.88 -10.28
CA SER E 189 14.91 10.46 -10.99
C SER E 189 14.54 11.76 -10.29
N CYS E 190 13.80 12.62 -10.98
CA CYS E 190 13.35 13.86 -10.38
C CYS E 190 11.84 13.90 -10.36
N ASN E 191 11.26 14.44 -9.29
CA ASN E 191 9.81 14.54 -9.18
C ASN E 191 9.27 15.41 -10.31
N THR E 192 7.96 15.33 -10.55
CA THR E 192 7.33 16.11 -11.60
C THR E 192 7.52 17.61 -11.35
N GLY E 193 7.99 18.33 -12.38
CA GLY E 193 8.22 19.75 -12.26
C GLY E 193 9.71 20.07 -12.12
N TYR E 194 10.53 19.02 -12.08
CA TYR E 194 11.97 19.19 -11.95
C TYR E 194 12.71 18.42 -13.02
N LYS E 195 13.81 19.00 -13.50
CA LYS E 195 14.62 18.38 -14.54
C LYS E 195 15.93 17.88 -13.94
N LEU E 196 16.31 16.66 -14.30
CA LEU E 196 17.53 16.05 -13.78
C LEU E 196 18.78 16.57 -14.49
N PHE E 197 19.77 16.94 -13.69
CA PHE E 197 21.04 17.43 -14.21
C PHE E 197 22.20 16.62 -13.64
N GLY E 198 22.78 15.77 -14.49
CA GLY E 198 23.88 14.92 -14.06
C GLY E 198 23.63 13.48 -14.50
N SER E 199 24.21 12.53 -13.78
CA SER E 199 24.06 11.12 -14.13
C SER E 199 22.70 10.56 -13.69
N THR E 200 22.23 9.57 -14.44
CA THR E 200 20.94 8.94 -14.15
C THR E 200 21.15 7.66 -13.33
N SER E 201 22.41 7.36 -13.02
CA SER E 201 22.73 6.16 -12.27
C SER E 201 24.14 6.24 -11.68
N SER E 202 24.44 5.31 -10.78
CA SER E 202 25.72 5.26 -10.11
C SER E 202 26.00 3.81 -9.72
N PHE E 203 27.26 3.39 -9.88
CA PHE E 203 27.67 2.04 -9.50
C PHE E 203 28.63 2.08 -8.32
N CYS E 204 28.49 1.12 -7.43
CA CYS E 204 29.39 1.00 -6.30
C CYS E 204 30.65 0.23 -6.71
N LEU E 205 31.60 0.94 -7.29
CA LEU E 205 32.83 0.33 -7.76
C LEU E 205 33.88 0.38 -6.67
N ILE E 206 34.94 -0.40 -6.83
CA ILE E 206 36.04 -0.39 -5.87
C ILE E 206 36.95 0.79 -6.19
N SER E 207 37.10 1.69 -5.22
CA SER E 207 37.93 2.87 -5.41
C SER E 207 39.09 2.86 -4.42
N GLY E 208 40.29 2.60 -4.93
CA GLY E 208 41.47 2.54 -4.10
C GLY E 208 41.30 1.57 -2.94
N SER E 209 41.20 2.11 -1.73
CA SER E 209 41.11 1.31 -0.51
C SER E 209 39.70 0.93 -0.10
N SER E 210 38.72 1.28 -0.92
CA SER E 210 37.34 0.98 -0.58
C SER E 210 36.41 1.03 -1.77
N VAL E 211 35.15 0.74 -1.52
CA VAL E 211 34.12 0.78 -2.54
C VAL E 211 33.51 2.17 -2.54
N GLN E 212 33.41 2.76 -3.73
CA GLN E 212 32.88 4.10 -3.86
C GLN E 212 31.89 4.22 -5.02
N TRP E 213 30.88 5.08 -4.85
CA TRP E 213 29.90 5.30 -5.91
C TRP E 213 30.60 5.90 -7.12
N SER E 214 30.29 5.37 -8.30
CA SER E 214 30.93 5.83 -9.54
C SER E 214 30.62 7.28 -9.87
N ASP E 215 29.33 7.65 -9.86
CA ASP E 215 28.92 9.01 -10.17
C ASP E 215 28.30 9.69 -8.96
N PRO E 216 28.51 10.99 -8.85
CA PRO E 216 27.95 11.78 -7.76
C PRO E 216 26.45 11.94 -7.92
N LEU E 217 25.80 12.42 -6.87
CA LEU E 217 24.37 12.64 -6.91
C LEU E 217 24.06 13.75 -7.90
N PRO E 218 23.05 13.54 -8.74
CA PRO E 218 22.66 14.54 -9.72
C PRO E 218 21.84 15.68 -9.11
N GLU E 219 21.37 16.59 -9.95
CA GLU E 219 20.64 17.75 -9.50
C GLU E 219 19.27 17.80 -10.13
N CYS E 220 18.26 18.15 -9.33
CA CYS E 220 16.90 18.29 -9.83
C CYS E 220 16.50 19.75 -9.74
N ARG E 221 16.65 20.46 -10.85
CA ARG E 221 16.38 21.89 -10.90
C ARG E 221 14.97 22.20 -11.38
N GLU E 222 14.34 23.16 -10.72
CA GLU E 222 12.98 23.54 -11.01
C GLU E 222 12.80 23.91 -12.47
N ILE E 223 11.76 23.35 -13.08
CA ILE E 223 11.41 23.70 -14.44
C ILE E 223 10.56 24.95 -14.37
N TYR E 224 10.93 25.96 -15.15
CA TYR E 224 10.19 27.21 -15.13
C TYR E 224 9.45 27.43 -16.44
N CYS E 225 8.24 27.95 -16.35
CA CYS E 225 7.48 28.28 -17.53
C CYS E 225 8.03 29.55 -18.12
N PRO E 226 7.79 29.78 -19.39
CA PRO E 226 8.22 31.01 -20.04
C PRO E 226 7.41 32.14 -19.42
N ALA E 227 7.91 33.37 -19.52
CA ALA E 227 7.21 34.51 -18.97
C ALA E 227 5.78 34.50 -19.48
N PRO E 228 4.83 34.66 -18.57
CA PRO E 228 3.43 34.68 -18.96
C PRO E 228 3.23 35.82 -19.95
N PRO E 229 2.24 35.70 -20.81
CA PRO E 229 1.98 36.72 -21.82
C PRO E 229 1.20 37.91 -21.26
N GLN E 230 1.59 39.10 -21.68
CA GLN E 230 0.87 40.30 -21.33
C GLN E 230 -0.23 40.42 -22.37
N ILE E 231 -1.38 40.94 -21.96
CA ILE E 231 -2.52 41.04 -22.86
C ILE E 231 -3.00 42.47 -23.00
N ASP E 232 -3.56 42.77 -24.18
CA ASP E 232 -4.05 44.10 -24.46
C ASP E 232 -5.22 44.44 -23.55
N ASN E 233 -5.09 45.53 -22.81
CA ASN E 233 -6.17 46.03 -21.96
C ASN E 233 -6.44 45.20 -20.72
N GLY E 234 -5.46 44.39 -20.34
CA GLY E 234 -5.59 43.57 -19.15
C GLY E 234 -4.27 43.46 -18.44
N ILE E 235 -4.31 42.98 -17.21
CA ILE E 235 -3.12 42.82 -16.41
C ILE E 235 -3.11 41.44 -15.79
N ILE E 236 -2.00 41.11 -15.13
CA ILE E 236 -1.88 39.87 -14.38
C ILE E 236 -1.94 40.23 -12.90
N GLN E 237 -2.81 39.56 -12.16
CA GLN E 237 -2.97 39.87 -10.75
C GLN E 237 -1.86 39.23 -9.90
N GLY E 238 -1.09 40.08 -9.24
CA GLY E 238 0.01 39.61 -8.40
C GLY E 238 1.05 38.84 -9.23
N GLU E 239 1.50 39.46 -10.32
CA GLU E 239 2.49 38.86 -11.20
C GLU E 239 3.74 38.44 -10.41
N ARG E 240 4.32 37.31 -10.78
CA ARG E 240 5.49 36.80 -10.07
C ARG E 240 6.75 36.81 -10.93
N ASP E 241 7.87 36.49 -10.28
CA ASP E 241 9.17 36.45 -10.93
C ASP E 241 9.26 35.19 -11.76
N HIS E 242 9.04 34.05 -11.10
CA HIS E 242 9.13 32.76 -11.75
C HIS E 242 7.80 32.05 -11.64
N TYR E 243 7.63 31.02 -12.44
CA TYR E 243 6.43 30.20 -12.41
C TYR E 243 6.82 28.76 -12.64
N GLY E 244 6.54 27.91 -11.66
CA GLY E 244 6.86 26.50 -11.73
C GLY E 244 5.61 25.67 -11.91
N TYR E 245 5.81 24.35 -12.00
CA TYR E 245 4.74 23.40 -12.19
C TYR E 245 3.55 23.66 -11.27
N ARG E 246 2.36 23.71 -11.86
CA ARG E 246 1.11 23.87 -11.12
C ARG E 246 0.83 25.28 -10.61
N GLN E 247 1.82 26.17 -10.71
CA GLN E 247 1.59 27.56 -10.36
C GLN E 247 0.70 28.16 -11.43
N SER E 248 0.03 29.28 -11.11
CA SER E 248 -0.90 29.88 -12.06
C SER E 248 -0.77 31.40 -12.14
N VAL E 249 -1.35 31.96 -13.20
CA VAL E 249 -1.41 33.41 -13.38
C VAL E 249 -2.85 33.79 -13.74
N THR E 250 -3.41 34.71 -12.97
CA THR E 250 -4.79 35.16 -13.16
C THR E 250 -4.79 36.55 -13.77
N TYR E 251 -5.48 36.69 -14.89
CA TYR E 251 -5.56 37.98 -15.57
C TYR E 251 -6.76 38.79 -15.11
N ALA E 252 -6.72 40.07 -15.44
CA ALA E 252 -7.82 40.98 -15.14
C ALA E 252 -7.89 42.06 -16.20
N CYS E 253 -9.05 42.24 -16.81
CA CYS E 253 -9.23 43.27 -17.81
C CYS E 253 -9.33 44.64 -17.15
N ASN E 254 -8.79 45.65 -17.81
CA ASN E 254 -8.86 47.01 -17.30
C ASN E 254 -10.31 47.48 -17.23
N LYS E 255 -10.51 48.67 -16.68
CA LYS E 255 -11.85 49.23 -16.57
C LYS E 255 -12.43 49.50 -17.95
N GLY E 256 -13.67 49.05 -18.16
CA GLY E 256 -14.36 49.29 -19.44
C GLY E 256 -14.22 48.15 -20.42
N PHE E 257 -13.35 47.19 -20.07
CA PHE E 257 -13.12 46.05 -20.94
C PHE E 257 -13.73 44.80 -20.35
N THR E 258 -14.06 43.85 -21.21
CA THR E 258 -14.63 42.58 -20.76
C THR E 258 -13.72 41.39 -21.07
N MET E 259 -13.62 40.48 -20.11
CA MET E 259 -12.75 39.32 -20.25
C MET E 259 -13.36 38.26 -21.16
N ILE E 260 -12.56 37.78 -22.10
CA ILE E 260 -12.97 36.72 -23.01
C ILE E 260 -12.04 35.53 -22.82
N GLY E 261 -12.52 34.52 -22.11
CA GLY E 261 -11.72 33.33 -21.87
C GLY E 261 -11.55 33.08 -20.38
N GLU E 262 -10.75 32.07 -20.05
CA GLU E 262 -10.50 31.73 -18.66
C GLU E 262 -9.67 32.83 -18.03
N HIS E 263 -9.88 33.05 -16.74
CA HIS E 263 -9.12 34.06 -16.02
C HIS E 263 -7.67 33.66 -15.88
N SER E 264 -7.44 32.37 -15.63
CA SER E 264 -6.09 31.91 -15.36
C SER E 264 -5.61 30.82 -16.28
N ILE E 265 -4.28 30.71 -16.34
CA ILE E 265 -3.61 29.64 -17.05
C ILE E 265 -2.69 29.00 -16.01
N TYR E 266 -2.16 27.82 -16.34
CA TYR E 266 -1.32 27.10 -15.38
C TYR E 266 -0.09 26.50 -16.03
N CYS E 267 1.02 26.61 -15.33
CA CYS E 267 2.28 26.06 -15.79
C CYS E 267 2.26 24.55 -15.80
N THR E 268 2.20 23.98 -17.01
CA THR E 268 2.30 22.54 -17.19
C THR E 268 3.76 22.23 -17.60
N VAL E 269 4.26 21.15 -17.13
CA VAL E 269 5.69 20.71 -17.30
C VAL E 269 6.00 19.37 -17.97
N ASN E 270 5.24 19.09 -19.02
CA ASN E 270 5.60 18.04 -19.93
C ASN E 270 6.48 18.86 -20.87
N ASN E 271 7.73 18.45 -21.09
CA ASN E 271 8.27 17.18 -20.65
C ASN E 271 9.72 17.51 -20.33
N ASP E 272 9.93 18.06 -19.14
CA ASP E 272 11.23 18.60 -18.76
C ASP E 272 11.40 20.01 -19.35
N GLU E 273 10.34 20.48 -19.99
CA GLU E 273 10.25 21.85 -20.49
C GLU E 273 8.87 22.37 -20.06
N GLY E 274 8.86 23.60 -19.59
CA GLY E 274 7.65 24.17 -19.00
C GLY E 274 6.76 24.87 -20.06
N GLU E 275 5.54 24.74 -19.97
CA GLU E 275 4.58 25.32 -20.89
C GLU E 275 3.23 25.66 -20.28
N TRP E 276 2.75 26.84 -20.65
CA TRP E 276 1.44 27.29 -20.16
C TRP E 276 0.31 26.42 -20.69
N SER E 277 -0.67 26.18 -19.83
CA SER E 277 -1.80 25.30 -20.14
C SER E 277 -2.50 25.66 -21.45
N GLY E 278 -2.75 26.94 -21.65
CA GLY E 278 -3.41 27.41 -22.84
C GLY E 278 -3.08 28.87 -23.08
N PRO E 279 -3.89 29.52 -23.90
CA PRO E 279 -3.69 30.92 -24.24
C PRO E 279 -4.36 31.81 -23.22
N PRO E 280 -3.80 33.00 -23.03
CA PRO E 280 -4.34 33.95 -22.07
C PRO E 280 -5.70 34.42 -22.54
N PRO E 281 -6.50 34.92 -21.61
CA PRO E 281 -7.80 35.46 -21.97
C PRO E 281 -7.58 36.68 -22.84
N GLU E 282 -8.68 37.26 -23.33
CA GLU E 282 -8.59 38.46 -24.16
C GLU E 282 -9.57 39.51 -23.64
N CYS E 283 -9.22 40.78 -23.80
CA CYS E 283 -10.05 41.86 -23.28
C CYS E 283 -10.73 42.68 -24.38
N ARG E 284 -12.05 42.53 -24.47
CA ARG E 284 -12.85 43.30 -25.44
C ARG E 284 -13.36 44.57 -24.78
N GLY E 285 -13.19 45.70 -25.45
CA GLY E 285 -13.64 46.99 -24.92
C GLY E 285 -15.14 47.21 -25.11
O1 DAO F . -8.72 -11.97 -3.35
O2 DAO F . -7.00 -11.95 -1.94
C1 DAO F . -7.90 -12.61 -2.71
C2 DAO F . -7.85 -14.12 -2.80
C3 DAO F . -9.00 -14.69 -3.63
C4 DAO F . -9.03 -16.21 -3.46
C5 DAO F . -9.89 -16.84 -4.55
C6 DAO F . -9.72 -18.35 -4.50
C7 DAO F . -10.29 -18.96 -5.78
C8 DAO F . -10.03 -20.47 -5.81
C9 DAO F . -10.74 -21.07 -7.02
C10 DAO F . -10.95 -22.56 -6.81
C11 DAO F . -11.87 -23.10 -7.91
C12 DAO F . -12.33 -24.52 -7.54
#